data_3PAB
#
_entry.id   3PAB
#
_cell.length_a   66.683
_cell.length_b   88.818
_cell.length_c   89.121
_cell.angle_alpha   90.000
_cell.angle_beta   111.380
_cell.angle_gamma   90.000
#
_symmetry.space_group_name_H-M   'P 1 21 1'
#
loop_
_entity.id
_entity.type
_entity.pdbx_description
1 polymer 'H-2 class I histocompatibility antigen, K-B alpha chain'
2 polymer Beta-2-microglobulin
3 polymer 'Ovalbumin epitope, EIINFEKL'
4 water water
#
loop_
_entity_poly.entity_id
_entity_poly.type
_entity_poly.pdbx_seq_one_letter_code
_entity_poly.pdbx_strand_id
1 'polypeptide(L)'
;MGPHSLRYFVTAVSRPGLGEPRYMEVGYVDDTEFVRFDSDAENPRYEPRARWMEQEGPEYWERETQKAKGNEQSFRVDLR
TLLGYYNQSKGGSHTIQVISGCEVGSDGRLLRGYQQYAYDGCDYIALNEDLKTWTAADMAALITKHKWEQAGEAERLRAY
LEGTCVEWLRRYLKNGNATLLRTDSPKAHVTHHSRPEDKVTLRCWALGFYPADITLTWQLNGEELIQDMELVETRPAGDG
TFQKWASVVVPLGKEQYYTCHVYHQGLPEPLTLRWEPPP
;
A,D
2 'polypeptide(L)'
;IQKTPQIQVYSRHPPENGKPNILNCYVTQFHPPHIEIQMLKNGKKIPKVEMSDMSFSKDWSFYILAHTEFTPTETDTYAC
RVKHDSMAEPKTVYWDRDM
;
B,E
3 'polypeptide(L)' EIINFEKL C,F
#
# COMPACT_ATOMS: atom_id res chain seq x y z
N MET A 1 -4.78 1.18 10.20
CA MET A 1 -4.32 -0.21 10.16
C MET A 1 -4.00 -0.59 8.73
N GLY A 2 -2.89 -0.08 8.20
CA GLY A 2 -2.69 -0.09 6.75
C GLY A 2 -3.83 0.73 6.16
N PRO A 3 -4.02 0.67 4.83
CA PRO A 3 -5.13 1.39 4.18
C PRO A 3 -6.46 0.67 4.39
N HIS A 4 -7.55 1.43 4.46
CA HIS A 4 -8.88 0.85 4.67
C HIS A 4 -9.92 1.51 3.78
N SER A 5 -10.98 0.78 3.46
CA SER A 5 -12.02 1.33 2.60
C SER A 5 -13.43 1.18 3.15
N LEU A 6 -14.25 2.21 2.90
CA LEU A 6 -15.70 2.16 3.08
C LEU A 6 -16.33 2.38 1.72
N ARG A 7 -17.07 1.39 1.22
CA ARG A 7 -17.63 1.48 -0.12
C ARG A 7 -19.08 1.00 -0.16
N TYR A 8 -19.92 1.76 -0.84
CA TYR A 8 -21.31 1.40 -1.02
C TYR A 8 -21.58 1.04 -2.47
N PHE A 9 -22.25 -0.10 -2.66
CA PHE A 9 -22.58 -0.59 -4.00
C PHE A 9 -24.07 -0.46 -4.19
N VAL A 10 -24.46 0.30 -5.19
CA VAL A 10 -25.86 0.67 -5.38
C VAL A 10 -26.38 0.15 -6.69
N THR A 11 -27.56 -0.47 -6.63
CA THR A 11 -28.20 -1.01 -7.83
C THR A 11 -29.64 -0.56 -7.91
N ALA A 12 -30.03 0.00 -9.05
CA ALA A 12 -31.42 0.34 -9.32
C ALA A 12 -31.78 -0.31 -10.64
N VAL A 13 -32.79 -1.18 -10.63
CA VAL A 13 -33.17 -1.96 -11.81
C VAL A 13 -34.67 -1.83 -12.12
N SER A 14 -35.00 -1.21 -13.24
CA SER A 14 -36.41 -1.09 -13.59
C SER A 14 -36.94 -2.41 -14.15
N ARG A 15 -38.24 -2.60 -14.03
CA ARG A 15 -38.88 -3.80 -14.56
C ARG A 15 -40.29 -3.39 -14.89
N PRO A 16 -40.45 -2.66 -16.01
CA PRO A 16 -41.74 -2.02 -16.28
C PRO A 16 -42.85 -3.05 -16.41
N GLY A 17 -44.02 -2.74 -15.86
CA GLY A 17 -45.15 -3.65 -15.87
C GLY A 17 -45.10 -4.71 -14.78
N LEU A 18 -43.90 -4.99 -14.27
CA LEU A 18 -43.75 -6.06 -13.27
C LEU A 18 -43.45 -5.55 -11.85
N GLY A 19 -43.71 -4.27 -11.62
CA GLY A 19 -43.48 -3.70 -10.30
C GLY A 19 -42.61 -2.45 -10.33
N GLU A 20 -42.34 -1.90 -9.16
CA GLU A 20 -41.49 -0.71 -9.05
C GLU A 20 -40.04 -1.15 -9.18
N PRO A 21 -39.14 -0.22 -9.55
CA PRO A 21 -37.73 -0.61 -9.66
C PRO A 21 -37.22 -1.26 -8.38
N ARG A 22 -36.28 -2.19 -8.55
N ARG A 22 -36.29 -2.19 -8.54
CA ARG A 22 -35.63 -2.84 -7.42
CA ARG A 22 -35.65 -2.82 -7.39
C ARG A 22 -34.39 -2.03 -7.02
C ARG A 22 -34.39 -2.05 -7.01
N TYR A 23 -34.38 -1.54 -5.78
CA TYR A 23 -33.26 -0.72 -5.32
C TYR A 23 -32.52 -1.40 -4.17
N MET A 24 -31.20 -1.35 -4.23
CA MET A 24 -30.36 -1.94 -3.21
C MET A 24 -29.15 -1.04 -2.89
N GLU A 25 -28.88 -0.85 -1.59
CA GLU A 25 -27.61 -0.29 -1.16
C GLU A 25 -26.86 -1.34 -0.34
N VAL A 26 -25.61 -1.59 -0.70
CA VAL A 26 -24.80 -2.57 0.03
C VAL A 26 -23.48 -1.94 0.46
N GLY A 27 -23.22 -1.98 1.76
CA GLY A 27 -22.06 -1.31 2.29
C GLY A 27 -21.01 -2.32 2.66
N TYR A 28 -19.78 -2.07 2.24
CA TYR A 28 -18.63 -2.93 2.51
C TYR A 28 -17.53 -2.20 3.28
N VAL A 29 -17.04 -2.82 4.34
CA VAL A 29 -15.81 -2.40 4.99
C VAL A 29 -14.71 -3.38 4.62
N ASP A 30 -13.64 -2.87 4.02
CA ASP A 30 -12.56 -3.73 3.57
C ASP A 30 -13.12 -4.97 2.85
N ASP A 31 -13.99 -4.73 1.86
CA ASP A 31 -14.60 -5.82 1.09
C ASP A 31 -15.48 -6.79 1.90
N THR A 32 -15.69 -6.49 3.17
CA THR A 32 -16.64 -7.23 3.98
C THR A 32 -17.97 -6.48 4.05
N GLU A 33 -19.04 -7.11 3.55
CA GLU A 33 -20.38 -6.53 3.66
C GLU A 33 -20.78 -6.38 5.13
N PHE A 34 -21.31 -5.22 5.51
CA PHE A 34 -21.68 -4.96 6.90
C PHE A 34 -23.08 -4.42 7.05
N VAL A 35 -23.68 -4.07 5.93
CA VAL A 35 -25.03 -3.51 5.92
C VAL A 35 -25.65 -3.67 4.53
N ARG A 36 -26.97 -3.73 4.45
CA ARG A 36 -27.69 -3.91 3.19
C ARG A 36 -29.08 -3.31 3.30
N PHE A 37 -29.46 -2.53 2.30
CA PHE A 37 -30.84 -2.10 2.12
C PHE A 37 -31.38 -2.75 0.85
N ASP A 38 -32.54 -3.40 0.94
CA ASP A 38 -33.18 -4.01 -0.23
C ASP A 38 -34.66 -3.59 -0.31
N SER A 39 -35.02 -2.86 -1.36
CA SER A 39 -36.34 -2.26 -1.45
C SER A 39 -37.42 -3.29 -1.68
N ASP A 40 -37.00 -4.51 -1.99
CA ASP A 40 -37.94 -5.57 -2.32
C ASP A 40 -38.58 -6.18 -1.07
N ALA A 41 -39.21 -5.35 -0.25
CA ALA A 41 -39.95 -5.83 0.92
C ALA A 41 -41.11 -4.89 1.29
N GLU A 42 -42.11 -5.42 2.00
CA GLU A 42 -43.30 -4.65 2.36
C GLU A 42 -42.96 -3.39 3.15
N ASN A 43 -42.11 -3.55 4.16
CA ASN A 43 -41.60 -2.43 4.94
C ASN A 43 -40.07 -2.56 5.07
N PRO A 44 -39.34 -2.15 4.01
CA PRO A 44 -37.89 -2.34 3.91
C PRO A 44 -37.11 -1.38 4.79
N ARG A 45 -36.00 -1.86 5.34
CA ARG A 45 -35.15 -1.06 6.19
C ARG A 45 -33.70 -1.47 6.09
N TYR A 46 -32.81 -0.58 6.52
CA TYR A 46 -31.41 -0.92 6.65
C TYR A 46 -31.26 -2.12 7.58
N GLU A 47 -30.43 -3.07 7.16
CA GLU A 47 -30.17 -4.24 7.97
C GLU A 47 -28.68 -4.31 8.27
N PRO A 48 -28.25 -3.54 9.28
CA PRO A 48 -26.85 -3.62 9.69
C PRO A 48 -26.61 -4.95 10.38
N ARG A 49 -25.42 -5.49 10.22
CA ARG A 49 -25.05 -6.68 10.96
C ARG A 49 -24.86 -6.36 12.45
N ALA A 50 -24.93 -7.39 13.28
CA ALA A 50 -25.02 -7.25 14.73
C ALA A 50 -24.10 -6.18 15.30
N ARG A 51 -22.86 -6.16 14.85
CA ARG A 51 -21.90 -5.18 15.35
C ARG A 51 -22.39 -3.74 15.19
N TRP A 52 -22.69 -3.34 13.96
CA TRP A 52 -23.11 -1.98 13.67
C TRP A 52 -24.48 -1.64 14.25
N MET A 53 -25.28 -2.67 14.45
CA MET A 53 -26.52 -2.52 15.21
C MET A 53 -26.19 -2.44 16.70
N GLU A 54 -26.81 -1.48 17.38
CA GLU A 54 -26.64 -1.35 18.83
C GLU A 54 -25.23 -0.95 19.26
N GLN A 55 -24.28 -1.00 18.32
CA GLN A 55 -23.04 -0.27 18.51
C GLN A 55 -23.23 1.04 17.77
N GLU A 56 -24.49 1.33 17.46
CA GLU A 56 -24.85 2.57 16.79
C GLU A 56 -26.27 3.03 17.14
N GLY A 57 -27.12 2.08 17.55
CA GLY A 57 -28.43 2.42 18.05
C GLY A 57 -29.53 2.44 16.99
N PRO A 58 -30.79 2.34 17.43
CA PRO A 58 -31.95 2.14 16.56
C PRO A 58 -32.34 3.41 15.82
N GLU A 59 -32.26 4.55 16.51
CA GLU A 59 -32.52 5.84 15.91
C GLU A 59 -31.72 6.02 14.63
N TYR A 60 -30.44 5.70 14.70
CA TYR A 60 -29.53 5.92 13.58
C TYR A 60 -29.96 5.16 12.34
N TRP A 61 -30.23 3.87 12.52
CA TRP A 61 -30.62 3.02 11.40
C TRP A 61 -31.98 3.39 10.85
N GLU A 62 -32.83 3.90 11.73
CA GLU A 62 -34.09 4.47 11.31
C GLU A 62 -33.82 5.57 10.29
N ARG A 63 -32.96 6.51 10.65
CA ARG A 63 -32.66 7.65 9.78
C ARG A 63 -32.00 7.24 8.47
N GLU A 64 -31.15 6.21 8.52
CA GLU A 64 -30.53 5.71 7.31
C GLU A 64 -31.54 4.95 6.42
N THR A 65 -32.54 4.33 7.04
CA THR A 65 -33.60 3.68 6.28
C THR A 65 -34.35 4.76 5.50
N GLN A 66 -34.66 5.86 6.19
CA GLN A 66 -35.33 6.97 5.54
C GLN A 66 -34.51 7.61 4.43
N LYS A 67 -33.19 7.66 4.63
CA LYS A 67 -32.31 8.20 3.60
C LYS A 67 -32.22 7.23 2.42
N ALA A 68 -32.28 5.93 2.71
CA ALA A 68 -32.29 4.91 1.67
C ALA A 68 -33.53 5.00 0.76
N LYS A 69 -34.69 5.14 1.39
N LYS A 69 -34.69 5.15 1.39
CA LYS A 69 -35.94 5.27 0.66
CA LYS A 69 -35.94 5.28 0.66
C LYS A 69 -35.93 6.56 -0.17
C LYS A 69 -35.96 6.57 -0.15
N GLY A 70 -35.26 7.58 0.35
CA GLY A 70 -35.12 8.83 -0.37
C GLY A 70 -34.29 8.61 -1.62
N ASN A 71 -33.10 8.01 -1.46
CA ASN A 71 -32.27 7.63 -2.59
C ASN A 71 -33.05 6.75 -3.57
N GLU A 72 -33.81 5.79 -3.05
CA GLU A 72 -34.55 4.88 -3.90
C GLU A 72 -35.41 5.66 -4.86
N GLN A 73 -36.16 6.61 -4.33
CA GLN A 73 -37.11 7.31 -5.17
C GLN A 73 -36.38 8.27 -6.12
N SER A 74 -35.30 8.87 -5.67
CA SER A 74 -34.49 9.70 -6.56
C SER A 74 -33.98 8.86 -7.75
N PHE A 75 -33.52 7.64 -7.49
CA PHE A 75 -33.07 6.77 -8.59
C PHE A 75 -34.21 6.36 -9.52
N ARG A 76 -35.42 6.25 -8.99
N ARG A 76 -35.42 6.25 -8.99
CA ARG A 76 -36.60 5.97 -9.81
CA ARG A 76 -36.60 5.97 -9.81
C ARG A 76 -36.73 7.04 -10.90
C ARG A 76 -36.73 7.03 -10.90
N VAL A 77 -36.60 8.29 -10.50
CA VAL A 77 -36.63 9.40 -11.44
C VAL A 77 -35.49 9.29 -12.45
N ASP A 78 -34.30 8.96 -11.97
CA ASP A 78 -33.12 8.85 -12.83
C ASP A 78 -33.28 7.85 -13.98
N LEU A 79 -33.83 6.67 -13.66
CA LEU A 79 -34.15 5.67 -14.68
C LEU A 79 -35.05 6.24 -15.78
N ARG A 80 -36.08 6.99 -15.40
CA ARG A 80 -36.91 7.72 -16.36
C ARG A 80 -36.08 8.78 -17.10
N THR A 81 -35.24 9.51 -16.37
CA THR A 81 -34.43 10.53 -17.03
C THR A 81 -33.54 9.93 -18.12
N LEU A 82 -32.92 8.79 -17.84
CA LEU A 82 -31.96 8.20 -18.78
C LEU A 82 -32.61 7.63 -20.02
N LEU A 83 -33.84 7.12 -19.89
CA LEU A 83 -34.64 6.74 -21.06
C LEU A 83 -34.68 7.91 -22.03
N GLY A 84 -34.98 9.10 -21.51
CA GLY A 84 -35.00 10.29 -22.33
C GLY A 84 -33.66 10.62 -22.95
N TYR A 85 -32.60 10.61 -22.15
CA TYR A 85 -31.26 10.94 -22.65
C TYR A 85 -30.88 10.04 -23.81
N TYR A 86 -31.21 8.75 -23.71
CA TYR A 86 -30.76 7.78 -24.69
C TYR A 86 -31.82 7.45 -25.72
N ASN A 87 -32.98 8.11 -25.63
CA ASN A 87 -34.09 7.82 -26.54
C ASN A 87 -34.42 6.32 -26.51
N GLN A 88 -34.69 5.80 -25.33
CA GLN A 88 -35.02 4.39 -25.19
C GLN A 88 -36.50 4.21 -24.90
N SER A 89 -37.06 3.13 -25.41
CA SER A 89 -38.45 2.77 -25.14
C SER A 89 -38.71 2.61 -23.65
N LYS A 90 -39.91 2.98 -23.22
CA LYS A 90 -40.31 2.90 -21.82
C LYS A 90 -40.54 1.48 -21.30
N GLY A 91 -40.60 0.51 -22.20
CA GLY A 91 -41.00 -0.83 -21.81
C GLY A 91 -39.92 -1.80 -21.38
N GLY A 92 -38.65 -1.46 -21.58
CA GLY A 92 -37.56 -2.36 -21.27
C GLY A 92 -36.95 -2.16 -19.89
N SER A 93 -36.28 -3.19 -19.38
CA SER A 93 -35.57 -3.08 -18.12
C SER A 93 -34.18 -2.46 -18.31
N HIS A 94 -33.79 -1.60 -17.37
CA HIS A 94 -32.48 -0.95 -17.39
C HIS A 94 -31.94 -0.89 -15.98
N THR A 95 -30.63 -0.77 -15.86
CA THR A 95 -29.98 -0.72 -14.56
C THR A 95 -29.09 0.51 -14.41
N ILE A 96 -29.03 1.02 -13.20
CA ILE A 96 -28.05 2.02 -12.84
C ILE A 96 -27.29 1.45 -11.66
N GLN A 97 -25.96 1.60 -11.68
CA GLN A 97 -25.16 1.14 -10.55
C GLN A 97 -24.21 2.23 -10.13
N VAL A 98 -23.96 2.31 -8.83
CA VAL A 98 -23.00 3.24 -8.30
C VAL A 98 -22.05 2.51 -7.36
N ILE A 99 -20.80 2.95 -7.38
CA ILE A 99 -19.87 2.61 -6.33
C ILE A 99 -19.46 3.93 -5.69
N SER A 100 -19.68 4.02 -4.39
CA SER A 100 -19.52 5.28 -3.69
C SER A 100 -18.85 5.08 -2.34
N GLY A 101 -17.80 5.86 -2.10
CA GLY A 101 -17.08 5.74 -0.84
C GLY A 101 -15.67 6.28 -0.89
N CYS A 102 -14.86 5.87 0.07
CA CYS A 102 -13.54 6.45 0.29
C CYS A 102 -12.57 5.39 0.78
N GLU A 103 -11.29 5.69 0.68
CA GLU A 103 -10.24 4.83 1.22
C GLU A 103 -9.29 5.72 1.99
N VAL A 104 -8.98 5.33 3.23
CA VAL A 104 -8.04 6.10 4.03
C VAL A 104 -6.72 5.35 4.21
N GLY A 105 -5.64 6.09 4.40
CA GLY A 105 -4.33 5.53 4.66
C GLY A 105 -4.20 5.18 6.13
N SER A 106 -3.03 4.72 6.54
CA SER A 106 -2.82 4.36 7.93
C SER A 106 -2.81 5.59 8.84
N ASP A 107 -2.61 6.78 8.26
CA ASP A 107 -2.61 8.02 9.04
C ASP A 107 -4.02 8.57 9.21
N GLY A 108 -5.01 7.84 8.70
CA GLY A 108 -6.39 8.25 8.82
C GLY A 108 -6.84 9.23 7.75
N ARG A 109 -5.90 9.64 6.91
CA ARG A 109 -6.17 10.64 5.87
C ARG A 109 -6.76 10.00 4.61
N LEU A 110 -7.63 10.73 3.93
CA LEU A 110 -8.23 10.23 2.69
C LEU A 110 -7.17 9.94 1.62
N LEU A 111 -7.14 8.70 1.16
CA LEU A 111 -6.29 8.26 0.06
C LEU A 111 -7.00 8.39 -1.27
N ARG A 112 -8.23 7.90 -1.32
CA ARG A 112 -8.98 7.83 -2.58
C ARG A 112 -10.45 8.03 -2.32
N GLY A 113 -11.14 8.63 -3.28
CA GLY A 113 -12.58 8.79 -3.18
C GLY A 113 -13.26 8.08 -4.33
N TYR A 114 -14.43 7.50 -4.08
CA TYR A 114 -15.17 6.85 -5.16
C TYR A 114 -16.54 7.46 -5.38
N GLN A 115 -16.81 7.86 -6.61
CA GLN A 115 -18.16 8.18 -7.00
C GLN A 115 -18.28 7.88 -8.49
N GLN A 116 -18.65 6.64 -8.80
CA GLN A 116 -18.72 6.22 -10.19
C GLN A 116 -20.06 5.55 -10.54
N TYR A 117 -20.56 5.89 -11.72
CA TYR A 117 -21.88 5.49 -12.16
C TYR A 117 -21.79 4.65 -13.43
N ALA A 118 -22.66 3.65 -13.55
CA ALA A 118 -22.78 2.90 -14.79
C ALA A 118 -24.26 2.80 -15.14
N TYR A 119 -24.55 2.83 -16.44
CA TYR A 119 -25.88 2.59 -16.94
C TYR A 119 -25.87 1.37 -17.85
N ASP A 120 -26.83 0.48 -17.66
CA ASP A 120 -26.86 -0.83 -18.33
C ASP A 120 -25.48 -1.50 -18.38
N GLY A 121 -24.73 -1.37 -17.30
CA GLY A 121 -23.44 -2.03 -17.19
C GLY A 121 -22.29 -1.41 -17.95
N CYS A 122 -22.45 -0.21 -18.49
CA CYS A 122 -21.32 0.53 -19.05
C CYS A 122 -21.04 1.79 -18.25
N ASP A 123 -19.76 2.16 -18.11
CA ASP A 123 -19.41 3.42 -17.45
C ASP A 123 -20.31 4.54 -17.94
N TYR A 124 -20.78 5.37 -17.02
CA TYR A 124 -21.59 6.52 -17.39
C TYR A 124 -20.89 7.83 -17.07
N ILE A 125 -20.59 8.04 -15.79
CA ILE A 125 -19.86 9.22 -15.36
C ILE A 125 -19.12 8.88 -14.06
N ALA A 126 -18.00 9.53 -13.80
CA ALA A 126 -17.26 9.31 -12.56
C ALA A 126 -16.51 10.56 -12.10
N LEU A 127 -16.42 10.71 -10.78
CA LEU A 127 -15.59 11.76 -10.21
C LEU A 127 -14.11 11.43 -10.39
N ASN A 128 -13.34 12.38 -10.90
CA ASN A 128 -11.92 12.14 -11.12
C ASN A 128 -11.12 12.12 -9.84
N GLU A 129 -9.90 11.63 -9.94
CA GLU A 129 -8.96 11.58 -8.82
C GLU A 129 -8.82 12.92 -8.09
N ASP A 130 -8.90 14.02 -8.84
CA ASP A 130 -8.75 15.36 -8.29
C ASP A 130 -9.92 15.79 -7.42
N LEU A 131 -10.96 14.96 -7.39
CA LEU A 131 -12.18 15.23 -6.63
C LEU A 131 -12.81 16.57 -7.00
N LYS A 132 -12.52 17.05 -8.21
CA LYS A 132 -13.08 18.33 -8.66
C LYS A 132 -13.80 18.22 -9.99
N THR A 133 -13.29 17.38 -10.88
CA THR A 133 -13.84 17.30 -12.23
C THR A 133 -14.42 15.90 -12.50
N TRP A 134 -15.18 15.79 -13.59
CA TRP A 134 -15.94 14.57 -13.90
C TRP A 134 -15.55 14.01 -15.24
N THR A 135 -15.47 12.69 -15.34
CA THR A 135 -15.32 12.04 -16.64
C THR A 135 -16.66 11.47 -17.13
N ALA A 136 -17.22 12.07 -18.17
CA ALA A 136 -18.45 11.56 -18.78
C ALA A 136 -18.08 10.55 -19.85
N ALA A 137 -18.85 9.46 -19.97
CA ALA A 137 -18.47 8.38 -20.87
C ALA A 137 -19.04 8.52 -22.27
N ASP A 138 -20.10 9.33 -22.39
CA ASP A 138 -20.83 9.47 -23.65
C ASP A 138 -21.68 10.75 -23.63
N MET A 139 -22.43 10.98 -24.71
CA MET A 139 -23.21 12.20 -24.85
C MET A 139 -24.29 12.35 -23.79
N ALA A 140 -24.91 11.25 -23.37
CA ALA A 140 -25.94 11.31 -22.33
C ALA A 140 -25.35 11.79 -21.02
N ALA A 141 -24.22 11.22 -20.63
CA ALA A 141 -23.54 11.62 -19.40
C ALA A 141 -23.00 13.04 -19.42
N LEU A 142 -22.81 13.62 -20.61
CA LEU A 142 -22.42 15.03 -20.70
C LEU A 142 -23.54 15.91 -20.20
N ILE A 143 -24.78 15.45 -20.34
CA ILE A 143 -25.88 16.22 -19.83
C ILE A 143 -25.85 16.21 -18.32
N THR A 144 -25.53 15.06 -17.74
CA THR A 144 -25.44 14.97 -16.30
C THR A 144 -24.23 15.78 -15.83
N LYS A 145 -23.17 15.75 -16.63
CA LYS A 145 -21.94 16.46 -16.29
C LYS A 145 -22.21 17.95 -16.17
N HIS A 146 -22.75 18.55 -17.22
CA HIS A 146 -23.02 19.98 -17.21
C HIS A 146 -23.87 20.37 -16.01
N LYS A 147 -24.90 19.58 -15.74
CA LYS A 147 -25.82 19.85 -14.66
C LYS A 147 -25.12 19.83 -13.28
N TRP A 148 -24.29 18.82 -13.04
CA TRP A 148 -23.53 18.74 -11.79
C TRP A 148 -22.44 19.81 -11.71
N GLU A 149 -21.81 20.12 -12.83
CA GLU A 149 -20.81 21.17 -12.84
C GLU A 149 -21.44 22.48 -12.36
N GLN A 150 -22.69 22.71 -12.73
CA GLN A 150 -23.40 23.92 -12.37
C GLN A 150 -23.75 23.96 -10.90
N ALA A 151 -24.30 22.86 -10.39
CA ALA A 151 -24.70 22.77 -8.98
C ALA A 151 -23.53 22.54 -8.04
N GLY A 152 -22.31 22.48 -8.59
CA GLY A 152 -21.12 22.17 -7.78
C GLY A 152 -21.18 20.81 -7.10
N GLU A 153 -21.59 19.77 -7.83
CA GLU A 153 -21.74 18.43 -7.26
C GLU A 153 -20.40 17.87 -6.76
N ALA A 154 -19.34 18.12 -7.51
CA ALA A 154 -17.99 17.68 -7.11
C ALA A 154 -17.60 18.18 -5.72
N GLU A 155 -17.92 19.44 -5.42
CA GLU A 155 -17.58 19.99 -4.12
C GLU A 155 -18.47 19.36 -3.05
N ARG A 156 -19.69 19.02 -3.44
CA ARG A 156 -20.60 18.37 -2.51
C ARG A 156 -20.02 17.01 -2.13
N LEU A 157 -19.39 16.35 -3.09
CA LEU A 157 -18.82 15.03 -2.81
C LEU A 157 -17.52 15.06 -2.01
N ARG A 158 -16.66 16.03 -2.30
CA ARG A 158 -15.46 16.20 -1.48
C ARG A 158 -15.83 16.32 0.01
N ALA A 159 -16.83 17.15 0.32
CA ALA A 159 -17.23 17.31 1.71
C ALA A 159 -17.64 15.97 2.34
N TYR A 160 -18.50 15.23 1.65
CA TYR A 160 -18.84 13.89 2.14
C TYR A 160 -17.61 13.02 2.27
N LEU A 161 -16.79 12.98 1.22
CA LEU A 161 -15.62 12.10 1.21
C LEU A 161 -14.65 12.42 2.34
N GLU A 162 -14.36 13.70 2.54
CA GLU A 162 -13.39 14.15 3.54
C GLU A 162 -14.01 14.31 4.91
N GLY A 163 -15.33 14.41 4.95
CA GLY A 163 -16.02 14.55 6.22
C GLY A 163 -16.61 13.23 6.67
N THR A 164 -17.91 13.08 6.39
CA THR A 164 -18.65 11.88 6.77
C THR A 164 -17.99 10.53 6.42
N CYS A 165 -17.55 10.37 5.18
CA CYS A 165 -17.07 9.06 4.76
C CYS A 165 -15.85 8.68 5.61
N VAL A 166 -14.82 9.52 5.53
CA VAL A 166 -13.57 9.33 6.25
C VAL A 166 -13.78 9.14 7.77
N GLU A 167 -14.67 9.91 8.36
CA GLU A 167 -14.91 9.82 9.79
C GLU A 167 -15.56 8.51 10.21
N TRP A 168 -16.50 8.03 9.40
CA TRP A 168 -17.11 6.73 9.66
C TRP A 168 -16.00 5.70 9.69
N LEU A 169 -15.09 5.80 8.72
CA LEU A 169 -14.04 4.82 8.57
C LEU A 169 -13.10 4.83 9.77
N ARG A 170 -12.74 6.02 10.23
CA ARG A 170 -11.90 6.16 11.42
C ARG A 170 -12.62 5.61 12.65
N ARG A 171 -13.94 5.69 12.66
CA ARG A 171 -14.70 5.25 13.82
C ARG A 171 -14.70 3.73 13.90
N TYR A 172 -15.02 3.08 12.78
CA TYR A 172 -15.00 1.62 12.68
C TYR A 172 -13.77 1.00 13.37
N LEU A 173 -12.59 1.38 12.91
CA LEU A 173 -11.36 1.11 13.66
C LEU A 173 -10.84 2.47 14.11
N LYS A 174 -10.61 2.69 15.41
CA LYS A 174 -10.49 1.69 16.47
C LYS A 174 -11.59 0.64 16.66
N ASN A 175 -12.65 1.02 17.37
CA ASN A 175 -13.70 0.10 17.81
C ASN A 175 -13.51 -1.40 17.52
N GLY A 176 -13.38 -1.74 16.23
CA GLY A 176 -13.17 -3.12 15.83
C GLY A 176 -11.92 -3.38 15.02
N ASN A 177 -12.06 -3.36 13.70
CA ASN A 177 -11.00 -3.81 12.79
C ASN A 177 -11.00 -5.33 12.70
N ALA A 178 -11.95 -5.88 11.97
CA ALA A 178 -12.18 -7.32 12.00
C ALA A 178 -11.90 -8.03 10.68
N THR A 179 -10.90 -7.55 9.94
CA THR A 179 -10.52 -8.21 8.69
C THR A 179 -9.19 -8.92 8.85
N LEU A 180 -8.45 -8.56 9.91
CA LEU A 180 -7.29 -9.35 10.33
C LEU A 180 -7.73 -10.46 11.28
N LEU A 181 -8.79 -10.19 12.05
CA LEU A 181 -9.40 -11.25 12.85
C LEU A 181 -10.05 -12.26 11.91
N ARG A 182 -10.43 -11.79 10.74
CA ARG A 182 -11.11 -12.64 9.77
C ARG A 182 -10.10 -13.24 8.79
N THR A 183 -8.82 -13.00 9.03
CA THR A 183 -7.78 -13.63 8.22
C THR A 183 -7.64 -15.11 8.53
N ASP A 184 -7.71 -15.93 7.48
CA ASP A 184 -7.58 -17.38 7.58
C ASP A 184 -6.58 -17.87 6.56
N SER A 185 -5.60 -18.66 7.00
CA SER A 185 -4.58 -19.13 6.08
C SER A 185 -5.07 -20.26 5.24
N PRO A 186 -4.57 -20.35 4.00
CA PRO A 186 -5.01 -21.49 3.20
C PRO A 186 -4.47 -22.78 3.78
N LYS A 187 -5.22 -23.86 3.64
CA LYS A 187 -4.66 -25.18 3.82
C LYS A 187 -4.52 -25.76 2.42
N ALA A 188 -3.31 -26.20 2.08
CA ALA A 188 -3.02 -26.69 0.75
C ALA A 188 -2.70 -28.19 0.69
N HIS A 189 -2.94 -28.80 -0.47
CA HIS A 189 -2.58 -30.19 -0.76
C HIS A 189 -2.51 -30.36 -2.27
N VAL A 190 -1.74 -31.35 -2.71
CA VAL A 190 -1.63 -31.62 -4.13
C VAL A 190 -2.37 -32.93 -4.44
N THR A 191 -3.19 -32.92 -5.49
CA THR A 191 -3.80 -34.17 -5.96
C THR A 191 -3.19 -34.58 -7.28
N HIS A 192 -3.41 -35.84 -7.64
CA HIS A 192 -2.75 -36.49 -8.77
C HIS A 192 -3.80 -37.12 -9.68
N HIS A 193 -3.79 -36.76 -10.96
CA HIS A 193 -4.80 -37.25 -11.90
C HIS A 193 -4.19 -37.72 -13.22
N SER A 194 -4.71 -38.82 -13.76
CA SER A 194 -4.14 -39.41 -14.96
C SER A 194 -4.56 -38.68 -16.23
N ARG A 195 -3.59 -38.46 -17.13
CA ARG A 195 -3.88 -37.95 -18.46
C ARG A 195 -3.67 -39.09 -19.45
N PRO A 196 -3.89 -38.84 -20.75
CA PRO A 196 -3.64 -39.93 -21.68
C PRO A 196 -2.15 -40.16 -21.82
N GLU A 197 -1.76 -41.39 -22.15
CA GLU A 197 -0.35 -41.70 -22.38
C GLU A 197 0.50 -41.49 -21.13
N ASP A 198 1.66 -40.87 -21.35
CA ASP A 198 2.68 -40.77 -20.32
C ASP A 198 2.74 -39.40 -19.64
N LYS A 199 1.58 -38.73 -19.58
CA LYS A 199 1.46 -37.49 -18.82
C LYS A 199 0.52 -37.66 -17.63
N VAL A 200 0.74 -36.85 -16.60
CA VAL A 200 -0.16 -36.82 -15.45
C VAL A 200 -0.39 -35.37 -15.05
N THR A 201 -1.49 -35.13 -14.36
CA THR A 201 -1.83 -33.79 -13.95
C THR A 201 -1.64 -33.71 -12.47
N LEU A 202 -0.97 -32.65 -12.04
CA LEU A 202 -0.78 -32.37 -10.63
C LEU A 202 -1.59 -31.12 -10.33
N ARG A 203 -2.39 -31.18 -9.29
CA ARG A 203 -3.32 -30.09 -9.02
C ARG A 203 -3.09 -29.62 -7.60
N CYS A 204 -2.63 -28.37 -7.49
CA CYS A 204 -2.37 -27.76 -6.20
C CYS A 204 -3.59 -26.97 -5.73
N TRP A 205 -4.10 -27.34 -4.56
CA TRP A 205 -5.33 -26.77 -4.02
C TRP A 205 -5.03 -25.89 -2.84
N ALA A 206 -5.66 -24.71 -2.80
CA ALA A 206 -5.70 -23.88 -1.60
C ALA A 206 -7.15 -23.74 -1.12
N LEU A 207 -7.39 -24.13 0.13
CA LEU A 207 -8.75 -24.15 0.65
C LEU A 207 -8.87 -23.35 1.95
N GLY A 208 -10.06 -22.82 2.20
CA GLY A 208 -10.42 -22.28 3.49
C GLY A 208 -9.69 -21.02 3.89
N PHE A 209 -9.38 -20.18 2.92
CA PHE A 209 -8.60 -18.98 3.20
C PHE A 209 -9.45 -17.73 3.06
N TYR A 210 -9.08 -16.70 3.81
CA TYR A 210 -9.66 -15.37 3.70
C TYR A 210 -8.56 -14.40 4.07
N PRO A 211 -8.49 -13.25 3.39
CA PRO A 211 -9.37 -12.82 2.30
C PRO A 211 -9.04 -13.54 0.99
N ALA A 212 -9.70 -13.15 -0.09
CA ALA A 212 -9.70 -13.91 -1.33
C ALA A 212 -8.38 -13.86 -2.11
N ASP A 213 -7.64 -12.77 -1.97
CA ASP A 213 -6.39 -12.58 -2.69
C ASP A 213 -5.40 -13.67 -2.32
N ILE A 214 -4.83 -14.30 -3.35
CA ILE A 214 -3.91 -15.41 -3.13
C ILE A 214 -3.14 -15.66 -4.42
N THR A 215 -2.00 -16.33 -4.31
CA THR A 215 -1.26 -16.73 -5.49
C THR A 215 -0.80 -18.19 -5.38
N LEU A 216 -1.01 -18.94 -6.46
CA LEU A 216 -0.55 -20.31 -6.54
C LEU A 216 0.43 -20.38 -7.69
N THR A 217 1.55 -21.07 -7.50
CA THR A 217 2.49 -21.26 -8.61
C THR A 217 3.04 -22.69 -8.60
N TRP A 218 3.47 -23.14 -9.78
CA TRP A 218 4.16 -24.41 -9.91
C TRP A 218 5.57 -24.13 -10.40
N GLN A 219 6.53 -24.79 -9.80
CA GLN A 219 7.90 -24.61 -10.22
C GLN A 219 8.50 -25.94 -10.63
N LEU A 220 9.26 -25.91 -11.70
CA LEU A 220 10.03 -27.07 -12.10
C LEU A 220 11.47 -26.74 -11.78
N ASN A 221 12.01 -27.40 -10.77
CA ASN A 221 13.40 -27.17 -10.35
C ASN A 221 13.76 -25.68 -10.44
N GLY A 222 13.03 -24.87 -9.67
CA GLY A 222 13.20 -23.42 -9.68
C GLY A 222 12.87 -22.85 -11.05
N GLU A 223 11.96 -21.89 -11.06
CA GLU A 223 11.51 -21.20 -12.28
C GLU A 223 10.03 -21.48 -12.61
N GLU A 224 9.18 -20.56 -12.19
CA GLU A 224 7.73 -20.68 -12.39
C GLU A 224 7.39 -21.12 -13.80
N LEU A 225 6.47 -22.08 -13.88
CA LEU A 225 5.93 -22.50 -15.16
C LEU A 225 4.90 -21.46 -15.61
N ILE A 226 5.42 -20.41 -16.23
CA ILE A 226 4.63 -19.24 -16.64
C ILE A 226 3.81 -19.52 -17.89
N GLN A 227 3.39 -20.77 -18.04
CA GLN A 227 2.50 -21.19 -19.11
C GLN A 227 2.30 -22.68 -18.96
N ASP A 228 1.34 -23.24 -19.70
CA ASP A 228 0.99 -24.65 -19.57
C ASP A 228 0.27 -24.88 -18.26
N MET A 229 0.14 -23.82 -17.47
CA MET A 229 -0.53 -23.91 -16.17
C MET A 229 -2.01 -23.57 -16.25
N GLU A 230 -2.85 -24.47 -15.75
CA GLU A 230 -4.27 -24.21 -15.67
C GLU A 230 -4.66 -23.81 -14.25
N LEU A 231 -5.68 -22.96 -14.13
CA LEU A 231 -6.20 -22.56 -12.84
C LEU A 231 -7.66 -22.15 -12.95
N VAL A 232 -8.32 -21.99 -11.81
CA VAL A 232 -9.66 -21.45 -11.79
C VAL A 232 -9.64 -20.10 -11.08
N GLU A 233 -10.65 -19.29 -11.38
CA GLU A 233 -10.86 -18.07 -10.64
C GLU A 233 -11.09 -18.42 -9.19
N THR A 234 -10.49 -17.66 -8.29
CA THR A 234 -10.78 -17.83 -6.88
C THR A 234 -12.29 -17.81 -6.67
N ARG A 235 -12.78 -18.71 -5.82
CA ARG A 235 -14.21 -18.95 -5.69
C ARG A 235 -14.58 -19.13 -4.22
N PRO A 236 -15.78 -18.69 -3.83
CA PRO A 236 -16.15 -18.81 -2.42
C PRO A 236 -16.58 -20.23 -2.04
N ALA A 237 -16.20 -20.69 -0.86
CA ALA A 237 -16.67 -21.98 -0.40
C ALA A 237 -18.11 -21.91 0.08
N GLY A 238 -18.55 -20.69 0.41
CA GLY A 238 -19.91 -20.48 0.87
C GLY A 238 -20.00 -20.43 2.37
N ASP A 239 -18.90 -20.71 3.05
CA ASP A 239 -18.83 -20.61 4.51
C ASP A 239 -18.01 -19.40 4.95
N GLY A 240 -17.79 -18.48 4.01
CA GLY A 240 -17.02 -17.29 4.29
C GLY A 240 -15.63 -17.33 3.68
N THR A 241 -15.12 -18.53 3.46
CA THR A 241 -13.77 -18.72 2.94
C THR A 241 -13.73 -19.00 1.44
N PHE A 242 -12.52 -19.01 0.88
CA PHE A 242 -12.32 -19.12 -0.57
C PHE A 242 -11.49 -20.33 -0.97
N GLN A 243 -11.48 -20.63 -2.27
CA GLN A 243 -10.77 -21.78 -2.79
C GLN A 243 -10.11 -21.38 -4.07
N LYS A 244 -8.98 -22.01 -4.38
CA LYS A 244 -8.38 -21.86 -5.69
C LYS A 244 -7.56 -23.09 -6.03
N TRP A 245 -7.31 -23.33 -7.30
CA TRP A 245 -6.34 -24.36 -7.64
C TRP A 245 -5.54 -24.05 -8.89
N ALA A 246 -4.37 -24.65 -8.99
CA ALA A 246 -3.52 -24.50 -10.16
C ALA A 246 -2.97 -25.86 -10.49
N SER A 247 -3.02 -26.23 -11.75
CA SER A 247 -2.55 -27.55 -12.16
C SER A 247 -1.52 -27.45 -13.28
N VAL A 248 -0.66 -28.45 -13.38
CA VAL A 248 0.25 -28.58 -14.51
C VAL A 248 0.28 -30.01 -14.99
N VAL A 249 0.56 -30.20 -16.27
CA VAL A 249 0.74 -31.52 -16.85
C VAL A 249 2.23 -31.82 -16.92
N VAL A 250 2.64 -32.87 -16.24
CA VAL A 250 4.04 -33.22 -16.14
C VAL A 250 4.23 -34.67 -16.57
N PRO A 251 5.47 -35.05 -16.87
CA PRO A 251 5.64 -36.44 -17.32
C PRO A 251 5.46 -37.42 -16.18
N LEU A 252 4.94 -38.60 -16.52
CA LEU A 252 4.81 -39.70 -15.59
C LEU A 252 6.20 -40.10 -15.05
N GLY A 253 6.31 -40.21 -13.73
CA GLY A 253 7.59 -40.56 -13.12
C GLY A 253 8.41 -39.35 -12.68
N LYS A 254 8.04 -38.15 -13.15
CA LYS A 254 8.72 -36.89 -12.82
C LYS A 254 7.94 -35.96 -11.87
N GLU A 255 6.97 -36.50 -11.14
CA GLU A 255 6.13 -35.69 -10.26
C GLU A 255 6.91 -35.04 -9.13
N GLN A 256 8.01 -35.67 -8.73
CA GLN A 256 8.80 -35.15 -7.61
C GLN A 256 9.72 -34.01 -8.02
N TYR A 257 9.71 -33.67 -9.31
CA TYR A 257 10.54 -32.56 -9.80
C TYR A 257 9.77 -31.25 -9.74
N TYR A 258 8.51 -31.30 -9.33
CA TYR A 258 7.65 -30.12 -9.36
C TYR A 258 7.23 -29.71 -7.97
N THR A 259 7.18 -28.41 -7.74
CA THR A 259 6.82 -27.87 -6.44
C THR A 259 5.71 -26.84 -6.57
N CYS A 260 4.73 -26.91 -5.69
CA CYS A 260 3.70 -25.89 -5.66
C CYS A 260 3.97 -24.87 -4.59
N HIS A 261 3.75 -23.60 -4.92
CA HIS A 261 3.98 -22.51 -4.00
C HIS A 261 2.70 -21.72 -3.76
N VAL A 262 2.41 -21.46 -2.49
CA VAL A 262 1.20 -20.77 -2.12
C VAL A 262 1.49 -19.52 -1.28
N TYR A 263 1.10 -18.36 -1.81
CA TYR A 263 1.37 -17.08 -1.18
C TYR A 263 0.06 -16.44 -0.70
N HIS A 264 -0.08 -16.27 0.61
CA HIS A 264 -1.28 -15.63 1.17
C HIS A 264 -0.90 -14.81 2.40
N GLN A 265 -1.54 -13.66 2.54
CA GLN A 265 -1.18 -12.72 3.59
C GLN A 265 -1.32 -13.32 4.98
N GLY A 266 -2.10 -14.40 5.10
CA GLY A 266 -2.28 -15.03 6.40
C GLY A 266 -1.12 -15.91 6.79
N LEU A 267 -0.26 -16.25 5.83
CA LEU A 267 0.82 -17.22 6.07
C LEU A 267 2.07 -16.60 6.70
N PRO A 268 2.66 -17.28 7.69
CA PRO A 268 3.98 -16.86 8.18
C PRO A 268 4.99 -16.75 7.03
N GLU A 269 4.74 -17.52 5.98
CA GLU A 269 5.60 -17.52 4.81
C GLU A 269 5.00 -18.47 3.79
N PRO A 270 5.33 -18.28 2.50
CA PRO A 270 4.74 -19.10 1.43
C PRO A 270 4.77 -20.58 1.75
N LEU A 271 3.71 -21.31 1.43
CA LEU A 271 3.72 -22.76 1.58
C LEU A 271 4.44 -23.36 0.38
N THR A 272 5.10 -24.48 0.59
CA THR A 272 5.77 -25.16 -0.50
C THR A 272 5.35 -26.61 -0.40
N LEU A 273 4.74 -27.16 -1.44
CA LEU A 273 4.25 -28.54 -1.41
C LEU A 273 4.61 -29.32 -2.66
N ARG A 274 4.66 -30.64 -2.50
CA ARG A 274 4.81 -31.60 -3.60
C ARG A 274 3.75 -32.68 -3.54
N TRP A 275 3.58 -33.40 -4.65
CA TRP A 275 2.75 -34.61 -4.67
C TRP A 275 3.34 -35.66 -3.73
N GLU A 276 2.52 -36.16 -2.80
CA GLU A 276 2.95 -37.22 -1.89
C GLU A 276 2.14 -38.49 -2.14
N PRO A 277 2.75 -39.47 -2.80
CA PRO A 277 2.06 -40.74 -3.03
C PRO A 277 2.14 -41.62 -1.78
N PRO A 278 1.01 -42.23 -1.37
CA PRO A 278 1.03 -43.18 -0.24
C PRO A 278 1.91 -44.40 -0.52
N PRO A 279 2.42 -45.01 0.55
CA PRO A 279 3.29 -46.18 0.42
C PRO A 279 2.59 -47.42 0.98
N ILE B 1 -24.78 -2.72 -22.68
CA ILE B 1 -24.42 -3.98 -23.34
C ILE B 1 -24.91 -5.19 -22.55
N GLN B 2 -24.43 -6.37 -22.93
CA GLN B 2 -24.71 -7.59 -22.18
C GLN B 2 -23.49 -8.48 -22.05
N LYS B 3 -23.21 -8.90 -20.81
CA LYS B 3 -22.07 -9.78 -20.53
C LYS B 3 -22.53 -11.21 -20.28
N THR B 4 -21.70 -12.17 -20.74
CA THR B 4 -22.00 -13.59 -20.67
C THR B 4 -21.48 -14.29 -19.42
N PRO B 5 -22.39 -14.91 -18.65
CA PRO B 5 -22.03 -15.50 -17.37
C PRO B 5 -20.93 -16.56 -17.49
N GLN B 6 -20.09 -16.65 -16.46
CA GLN B 6 -19.12 -17.72 -16.37
C GLN B 6 -19.53 -18.58 -15.17
N ILE B 7 -19.40 -19.89 -15.29
CA ILE B 7 -19.92 -20.79 -14.28
C ILE B 7 -18.87 -21.72 -13.71
N GLN B 8 -18.88 -21.92 -12.39
CA GLN B 8 -18.06 -22.98 -11.78
C GLN B 8 -18.98 -23.78 -10.89
N VAL B 9 -18.82 -25.11 -10.92
CA VAL B 9 -19.58 -26.01 -10.06
C VAL B 9 -18.58 -26.82 -9.30
N TYR B 10 -18.72 -26.86 -7.97
CA TYR B 10 -17.68 -27.42 -7.12
C TYR B 10 -18.24 -27.59 -5.73
N SER B 11 -17.59 -28.44 -4.94
CA SER B 11 -18.06 -28.76 -3.59
C SER B 11 -17.42 -27.81 -2.61
N ARG B 12 -18.10 -27.58 -1.48
CA ARG B 12 -17.55 -26.72 -0.44
C ARG B 12 -16.32 -27.37 0.18
N HIS B 13 -16.40 -28.68 0.38
CA HIS B 13 -15.30 -29.45 0.92
C HIS B 13 -14.88 -30.53 -0.05
N PRO B 14 -13.63 -30.98 0.04
CA PRO B 14 -13.24 -32.13 -0.79
C PRO B 14 -14.26 -33.26 -0.64
N PRO B 15 -14.82 -33.74 -1.75
CA PRO B 15 -15.93 -34.70 -1.71
C PRO B 15 -15.41 -36.08 -1.35
N GLU B 16 -16.09 -36.77 -0.45
CA GLU B 16 -15.86 -38.19 -0.33
C GLU B 16 -17.19 -38.91 -0.30
N ASN B 17 -17.24 -40.04 -0.99
CA ASN B 17 -18.48 -40.77 -1.12
C ASN B 17 -19.09 -41.08 0.24
N GLY B 18 -20.35 -40.69 0.40
CA GLY B 18 -21.10 -41.00 1.61
C GLY B 18 -21.15 -39.88 2.63
N LYS B 19 -20.32 -38.87 2.45
CA LYS B 19 -20.22 -37.80 3.43
C LYS B 19 -20.94 -36.52 2.98
N PRO B 20 -21.96 -36.12 3.74
CA PRO B 20 -22.70 -34.90 3.40
C PRO B 20 -21.74 -33.75 3.14
N ASN B 21 -22.01 -33.02 2.08
CA ASN B 21 -21.17 -31.94 1.60
C ASN B 21 -22.12 -30.91 1.03
N ILE B 22 -21.59 -29.88 0.36
CA ILE B 22 -22.42 -28.83 -0.24
C ILE B 22 -21.93 -28.63 -1.65
N LEU B 23 -22.86 -28.47 -2.58
CA LEU B 23 -22.48 -28.27 -3.98
C LEU B 23 -22.77 -26.85 -4.39
N ASN B 24 -21.73 -26.16 -4.88
CA ASN B 24 -21.85 -24.78 -5.26
C ASN B 24 -21.93 -24.62 -6.75
N CYS B 25 -22.68 -23.62 -7.17
CA CYS B 25 -22.65 -23.16 -8.55
C CYS B 25 -22.44 -21.66 -8.46
N TYR B 26 -21.27 -21.21 -8.89
CA TYR B 26 -20.84 -19.82 -8.78
C TYR B 26 -20.91 -19.14 -10.14
N VAL B 27 -21.75 -18.11 -10.24
CA VAL B 27 -21.99 -17.49 -11.53
C VAL B 27 -21.56 -16.04 -11.45
N THR B 28 -20.75 -15.61 -12.41
CA THR B 28 -20.12 -14.29 -12.39
C THR B 28 -20.15 -13.71 -13.77
N GLN B 29 -19.65 -12.48 -13.90
CA GLN B 29 -19.42 -11.84 -15.19
C GLN B 29 -20.66 -11.60 -16.04
N PHE B 30 -21.81 -11.46 -15.41
CA PHE B 30 -23.05 -11.31 -16.19
C PHE B 30 -23.76 -9.98 -15.96
N HIS B 31 -24.48 -9.55 -16.98
CA HIS B 31 -25.23 -8.31 -16.97
C HIS B 31 -26.15 -8.42 -18.18
N PRO B 32 -27.45 -8.12 -18.01
CA PRO B 32 -28.14 -7.57 -16.84
C PRO B 32 -28.27 -8.56 -15.67
N PRO B 33 -28.78 -8.08 -14.53
CA PRO B 33 -28.77 -8.89 -13.31
C PRO B 33 -29.81 -10.00 -13.31
N HIS B 34 -30.84 -9.90 -14.13
CA HIS B 34 -31.77 -11.01 -14.16
C HIS B 34 -31.11 -12.28 -14.69
N ILE B 35 -31.17 -13.34 -13.89
CA ILE B 35 -30.58 -14.61 -14.27
C ILE B 35 -31.38 -15.78 -13.69
N GLU B 36 -31.41 -16.89 -14.40
CA GLU B 36 -32.15 -18.05 -13.91
C GLU B 36 -31.22 -19.23 -13.72
N ILE B 37 -31.10 -19.67 -12.48
CA ILE B 37 -30.10 -20.68 -12.16
C ILE B 37 -30.74 -21.92 -11.56
N GLN B 38 -30.38 -23.07 -12.11
CA GLN B 38 -30.84 -24.29 -11.48
C GLN B 38 -29.74 -25.33 -11.41
N MET B 39 -29.86 -26.20 -10.41
CA MET B 39 -28.93 -27.29 -10.31
C MET B 39 -29.68 -28.58 -10.56
N LEU B 40 -28.99 -29.52 -11.21
CA LEU B 40 -29.59 -30.77 -11.68
C LEU B 40 -28.86 -31.97 -11.14
N LYS B 41 -29.63 -32.94 -10.64
CA LYS B 41 -29.08 -34.21 -10.23
C LYS B 41 -29.56 -35.31 -11.18
N ASN B 42 -28.60 -35.96 -11.83
CA ASN B 42 -28.88 -36.99 -12.82
C ASN B 42 -29.96 -36.61 -13.80
N GLY B 43 -29.87 -35.40 -14.34
CA GLY B 43 -30.78 -35.01 -15.39
C GLY B 43 -31.99 -34.25 -14.91
N LYS B 44 -32.26 -34.26 -13.61
CA LYS B 44 -33.47 -33.62 -13.06
C LYS B 44 -33.21 -32.51 -12.04
N LYS B 45 -33.96 -31.42 -12.19
CA LYS B 45 -33.89 -30.27 -11.28
C LYS B 45 -33.98 -30.64 -9.81
N ILE B 46 -33.00 -30.18 -9.06
CA ILE B 46 -33.01 -30.27 -7.61
C ILE B 46 -33.90 -29.15 -7.09
N PRO B 47 -34.90 -29.49 -6.26
CA PRO B 47 -35.91 -28.50 -5.87
C PRO B 47 -35.39 -27.53 -4.81
N LYS B 48 -34.54 -28.00 -3.92
CA LYS B 48 -34.08 -27.15 -2.82
C LYS B 48 -32.71 -26.57 -3.10
N VAL B 49 -32.71 -25.46 -3.82
CA VAL B 49 -31.48 -24.73 -4.13
C VAL B 49 -31.50 -23.33 -3.50
N GLU B 50 -30.54 -23.07 -2.64
CA GLU B 50 -30.45 -21.81 -1.92
C GLU B 50 -29.58 -20.80 -2.68
N MET B 51 -29.97 -19.53 -2.67
CA MET B 51 -29.24 -18.49 -3.41
C MET B 51 -28.67 -17.45 -2.47
N SER B 52 -27.44 -17.01 -2.73
CA SER B 52 -26.94 -15.83 -2.04
C SER B 52 -27.65 -14.59 -2.57
N ASP B 53 -27.48 -13.48 -1.86
CA ASP B 53 -27.92 -12.19 -2.35
C ASP B 53 -27.03 -11.88 -3.53
N MET B 54 -27.52 -11.07 -4.46
CA MET B 54 -26.70 -10.74 -5.59
C MET B 54 -25.87 -9.53 -5.28
N SER B 55 -24.62 -9.59 -5.74
CA SER B 55 -23.67 -8.51 -5.59
C SER B 55 -23.16 -8.15 -6.98
N PHE B 56 -22.30 -7.16 -7.07
CA PHE B 56 -21.63 -6.89 -8.33
C PHE B 56 -20.23 -6.40 -8.04
N SER B 57 -19.34 -6.50 -9.02
CA SER B 57 -17.95 -6.15 -8.76
C SER B 57 -17.53 -4.89 -9.52
N LYS B 58 -16.28 -4.47 -9.30
CA LYS B 58 -15.77 -3.22 -9.85
C LYS B 58 -16.11 -3.00 -11.31
N ASP B 59 -16.12 -4.09 -12.08
CA ASP B 59 -16.37 -3.97 -13.52
C ASP B 59 -17.86 -3.93 -13.86
N TRP B 60 -18.69 -3.84 -12.82
CA TRP B 60 -20.16 -3.72 -12.94
C TRP B 60 -20.88 -5.05 -13.13
N SER B 61 -20.14 -6.12 -13.42
CA SER B 61 -20.75 -7.42 -13.67
C SER B 61 -21.25 -8.01 -12.37
N PHE B 62 -22.38 -8.70 -12.42
CA PHE B 62 -22.98 -9.24 -11.21
C PHE B 62 -22.44 -10.61 -10.89
N TYR B 63 -22.72 -11.09 -9.69
CA TYR B 63 -22.32 -12.43 -9.31
C TYR B 63 -23.17 -12.95 -8.16
N ILE B 64 -23.28 -14.26 -8.09
CA ILE B 64 -24.18 -14.88 -7.15
C ILE B 64 -23.75 -16.33 -6.97
N LEU B 65 -24.02 -16.87 -5.78
CA LEU B 65 -23.65 -18.24 -5.45
C LEU B 65 -24.91 -19.06 -5.17
N ALA B 66 -25.20 -20.02 -6.03
CA ALA B 66 -26.26 -20.97 -5.76
C ALA B 66 -25.62 -22.15 -5.08
N HIS B 67 -26.32 -22.77 -4.13
CA HIS B 67 -25.80 -23.98 -3.51
C HIS B 67 -26.92 -24.89 -3.01
N THR B 68 -26.59 -26.16 -2.84
CA THR B 68 -27.56 -27.17 -2.39
C THR B 68 -26.81 -28.21 -1.57
N GLU B 69 -27.52 -28.88 -0.67
CA GLU B 69 -26.90 -29.94 0.11
C GLU B 69 -26.81 -31.22 -0.73
N PHE B 70 -25.69 -31.93 -0.62
CA PHE B 70 -25.58 -33.23 -1.28
C PHE B 70 -24.60 -34.17 -0.59
N THR B 71 -24.80 -35.46 -0.82
CA THR B 71 -23.88 -36.48 -0.35
C THR B 71 -23.41 -37.22 -1.58
N PRO B 72 -22.15 -36.99 -1.96
CA PRO B 72 -21.63 -37.57 -3.21
C PRO B 72 -21.56 -39.09 -3.20
N THR B 73 -21.76 -39.69 -4.37
CA THR B 73 -21.53 -41.12 -4.55
C THR B 73 -20.60 -41.26 -5.74
N GLU B 74 -20.14 -42.48 -6.01
CA GLU B 74 -19.25 -42.67 -7.14
C GLU B 74 -19.92 -42.33 -8.48
N THR B 75 -21.24 -42.45 -8.58
CA THR B 75 -21.86 -42.39 -9.91
C THR B 75 -22.81 -41.23 -10.21
N ASP B 76 -23.33 -40.55 -9.18
CA ASP B 76 -24.29 -39.46 -9.42
C ASP B 76 -23.67 -38.30 -10.19
N THR B 77 -24.43 -37.75 -11.11
CA THR B 77 -23.99 -36.65 -11.95
C THR B 77 -24.74 -35.37 -11.54
N TYR B 78 -24.01 -34.30 -11.23
CA TYR B 78 -24.62 -33.00 -10.94
C TYR B 78 -24.23 -31.98 -11.99
N ALA B 79 -25.08 -30.98 -12.18
CA ALA B 79 -24.83 -29.91 -13.12
C ALA B 79 -25.50 -28.63 -12.64
N CYS B 80 -25.10 -27.52 -13.24
CA CYS B 80 -25.71 -26.24 -12.98
C CYS B 80 -26.08 -25.67 -14.33
N ARG B 81 -27.31 -25.21 -14.44
CA ARG B 81 -27.80 -24.73 -15.71
C ARG B 81 -28.22 -23.29 -15.55
N VAL B 82 -27.75 -22.46 -16.45
CA VAL B 82 -27.97 -21.04 -16.33
C VAL B 82 -28.65 -20.50 -17.56
N LYS B 83 -29.76 -19.82 -17.35
CA LYS B 83 -30.47 -19.14 -18.43
C LYS B 83 -30.28 -17.62 -18.23
N HIS B 84 -29.80 -16.96 -19.27
CA HIS B 84 -29.51 -15.53 -19.18
C HIS B 84 -29.57 -14.88 -20.57
N ASP B 85 -30.12 -13.68 -20.62
CA ASP B 85 -30.39 -12.97 -21.87
C ASP B 85 -29.18 -12.89 -22.82
N SER B 86 -27.98 -12.94 -22.28
CA SER B 86 -26.79 -12.82 -23.13
C SER B 86 -26.55 -14.09 -23.97
N MET B 87 -27.39 -15.09 -23.76
CA MET B 87 -27.17 -16.40 -24.37
C MET B 87 -28.43 -16.92 -25.03
N ALA B 88 -28.31 -17.27 -26.31
CA ALA B 88 -29.42 -17.90 -27.02
C ALA B 88 -29.99 -19.07 -26.23
N GLU B 89 -29.11 -19.96 -25.79
CA GLU B 89 -29.55 -21.17 -25.09
C GLU B 89 -28.87 -21.33 -23.72
N PRO B 90 -29.57 -21.99 -22.78
CA PRO B 90 -29.10 -22.20 -21.40
C PRO B 90 -27.75 -22.89 -21.37
N LYS B 91 -26.81 -22.33 -20.61
CA LYS B 91 -25.52 -22.96 -20.46
C LYS B 91 -25.55 -23.95 -19.31
N THR B 92 -25.06 -25.16 -19.56
CA THR B 92 -24.99 -26.18 -18.51
C THR B 92 -23.54 -26.52 -18.21
N VAL B 93 -23.22 -26.72 -16.94
CA VAL B 93 -21.87 -27.06 -16.54
C VAL B 93 -21.88 -28.16 -15.51
N TYR B 94 -21.09 -29.21 -15.76
CA TYR B 94 -21.14 -30.40 -14.92
C TYR B 94 -20.12 -30.37 -13.81
N TRP B 95 -20.54 -30.84 -12.63
CA TRP B 95 -19.61 -31.05 -11.54
C TRP B 95 -18.59 -32.11 -11.94
N ASP B 96 -17.31 -31.77 -11.80
CA ASP B 96 -16.21 -32.70 -11.95
C ASP B 96 -15.48 -32.70 -10.62
N ARG B 97 -15.52 -33.81 -9.90
CA ARG B 97 -14.98 -33.88 -8.55
C ARG B 97 -13.45 -33.70 -8.45
N ASP B 98 -12.78 -33.60 -9.58
CA ASP B 98 -11.34 -33.36 -9.58
C ASP B 98 -11.06 -31.88 -9.76
N MET B 99 -12.12 -31.10 -9.91
CA MET B 99 -11.98 -29.68 -10.15
C MET B 99 -12.74 -28.84 -9.12
N GLU C 1 20.80 -9.87 4.00
CA GLU C 1 22.14 -10.12 3.48
C GLU C 1 22.29 -9.39 2.15
N ILE C 2 23.35 -8.60 2.00
CA ILE C 2 23.57 -7.86 0.77
C ILE C 2 24.14 -8.75 -0.32
N ILE C 3 23.96 -8.36 -1.57
CA ILE C 3 24.46 -9.13 -2.70
C ILE C 3 25.96 -8.90 -2.91
N ASN C 4 26.62 -9.80 -3.62
CA ASN C 4 27.98 -9.57 -4.11
C ASN C 4 27.87 -8.75 -5.38
N PHE C 5 28.46 -7.56 -5.39
CA PHE C 5 28.34 -6.71 -6.58
C PHE C 5 29.25 -7.18 -7.70
N GLU C 6 28.94 -6.79 -8.93
CA GLU C 6 29.75 -7.17 -10.08
C GLU C 6 30.40 -5.93 -10.67
N LYS C 7 31.54 -6.09 -11.31
CA LYS C 7 32.27 -4.95 -11.86
C LYS C 7 31.40 -4.24 -12.87
N LEU C 8 31.54 -2.92 -12.95
CA LEU C 8 30.81 -2.18 -13.97
C LEU C 8 31.76 -1.81 -15.10
N GLY D 2 1.62 -5.96 6.43
CA GLY D 2 1.73 -5.11 5.26
C GLY D 2 2.99 -5.42 4.46
N PRO D 3 3.37 -4.51 3.55
CA PRO D 3 4.60 -4.69 2.75
C PRO D 3 5.81 -4.41 3.60
N HIS D 4 6.91 -5.10 3.33
CA HIS D 4 8.17 -4.87 4.02
C HIS D 4 9.30 -4.73 3.01
N SER D 5 10.43 -4.17 3.44
CA SER D 5 11.55 -3.99 2.54
C SER D 5 12.91 -4.29 3.18
N LEU D 6 13.81 -4.83 2.38
CA LEU D 6 15.20 -4.99 2.79
C LEU D 6 16.01 -4.25 1.75
N ARG D 7 16.71 -3.20 2.18
CA ARG D 7 17.45 -2.39 1.24
C ARG D 7 18.82 -2.03 1.80
N TYR D 8 19.81 -2.07 0.92
CA TYR D 8 21.17 -1.72 1.28
C TYR D 8 21.60 -0.49 0.52
N PHE D 9 22.19 0.45 1.25
CA PHE D 9 22.71 1.69 0.68
C PHE D 9 24.23 1.62 0.72
N VAL D 10 24.85 1.72 -0.44
CA VAL D 10 26.29 1.55 -0.56
C VAL D 10 26.98 2.83 -1.07
N THR D 11 28.04 3.22 -0.39
CA THR D 11 28.80 4.40 -0.76
C THR D 11 30.28 4.04 -0.90
N ALA D 12 30.87 4.39 -2.03
CA ALA D 12 32.31 4.28 -2.18
C ALA D 12 32.80 5.63 -2.66
N VAL D 13 33.73 6.20 -1.91
CA VAL D 13 34.26 7.56 -2.12
C VAL D 13 35.78 7.56 -2.29
N SER D 14 36.29 7.95 -3.45
CA SER D 14 37.74 8.03 -3.64
C SER D 14 38.33 9.29 -2.99
N ARG D 15 39.55 9.17 -2.48
CA ARG D 15 40.22 10.27 -1.82
C ARG D 15 41.67 10.27 -2.29
N PRO D 16 41.90 10.58 -3.58
CA PRO D 16 43.25 10.44 -4.11
C PRO D 16 44.28 11.14 -3.23
N GLY D 17 45.41 10.48 -2.99
CA GLY D 17 46.47 11.02 -2.14
C GLY D 17 46.14 11.13 -0.67
N LEU D 18 44.90 10.86 -0.28
CA LEU D 18 44.53 10.89 1.14
C LEU D 18 44.32 9.50 1.73
N GLY D 19 44.57 8.48 0.91
CA GLY D 19 44.38 7.12 1.35
C GLY D 19 43.47 6.32 0.44
N GLU D 20 42.99 5.18 0.94
CA GLU D 20 42.14 4.30 0.15
C GLU D 20 40.71 4.80 0.16
N PRO D 21 39.92 4.46 -0.87
CA PRO D 21 38.54 4.94 -0.92
C PRO D 21 37.82 4.52 0.35
N ARG D 22 36.84 5.31 0.78
CA ARG D 22 36.08 4.96 1.96
C ARG D 22 34.83 4.23 1.48
N TYR D 23 34.56 3.07 2.06
CA TYR D 23 33.46 2.25 1.59
C TYR D 23 32.54 1.91 2.74
N MET D 24 31.24 2.01 2.46
CA MET D 24 30.23 1.79 3.48
C MET D 24 29.08 0.92 2.94
N GLU D 25 28.66 -0.06 3.73
CA GLU D 25 27.42 -0.76 3.47
C GLU D 25 26.45 -0.45 4.62
N VAL D 26 25.25 0.01 4.29
CA VAL D 26 24.23 0.29 5.30
C VAL D 26 22.89 -0.41 4.96
N GLY D 27 22.42 -1.24 5.88
CA GLY D 27 21.24 -2.02 5.61
C GLY D 27 20.05 -1.54 6.42
N TYR D 28 18.88 -1.49 5.78
CA TYR D 28 17.64 -1.07 6.41
C TYR D 28 16.56 -2.12 6.24
N VAL D 29 15.89 -2.46 7.34
CA VAL D 29 14.61 -3.14 7.24
C VAL D 29 13.56 -2.04 7.46
N ASP D 30 12.60 -1.94 6.55
CA ASP D 30 11.58 -0.90 6.64
C ASP D 30 12.15 0.47 7.01
N ASP D 31 13.16 0.93 6.27
CA ASP D 31 13.69 2.28 6.49
C ASP D 31 14.32 2.47 7.88
N THR D 32 14.61 1.37 8.54
CA THR D 32 15.26 1.36 9.84
C THR D 32 16.61 0.69 9.70
N GLU D 33 17.69 1.43 9.96
CA GLU D 33 19.04 0.89 9.84
C GLU D 33 19.19 -0.23 10.88
N PHE D 34 19.66 -1.42 10.45
CA PHE D 34 19.86 -2.55 11.36
C PHE D 34 21.26 -3.15 11.31
N VAL D 35 22.03 -2.79 10.27
CA VAL D 35 23.45 -3.16 10.16
C VAL D 35 24.27 -2.08 9.44
N ARG D 36 25.57 -2.05 9.71
CA ARG D 36 26.47 -1.12 9.03
C ARG D 36 27.89 -1.66 8.90
N PHE D 37 28.49 -1.50 7.72
CA PHE D 37 29.91 -1.73 7.53
C PHE D 37 30.56 -0.42 7.11
N ASP D 38 31.67 -0.08 7.75
CA ASP D 38 32.45 1.12 7.39
C ASP D 38 33.94 0.79 7.27
N SER D 39 34.48 0.88 6.06
CA SER D 39 35.88 0.50 5.80
C SER D 39 36.89 1.38 6.53
N ASP D 40 36.43 2.50 7.06
CA ASP D 40 37.34 3.45 7.67
C ASP D 40 37.59 3.12 9.14
N ALA D 41 38.28 2.00 9.42
CA ALA D 41 38.51 1.61 10.82
C ALA D 41 39.57 0.54 11.17
N GLU D 42 40.58 0.32 10.31
CA GLU D 42 41.74 -0.51 10.69
C GLU D 42 41.30 -1.89 11.18
N ASN D 43 40.91 -2.76 10.26
CA ASN D 43 40.14 -3.96 10.59
C ASN D 43 38.69 -3.59 10.97
N PRO D 44 37.90 -3.18 9.97
CA PRO D 44 36.48 -2.85 10.12
C PRO D 44 35.60 -4.09 9.96
N ARG D 45 34.39 -4.01 10.48
CA ARG D 45 33.54 -5.20 10.50
C ARG D 45 32.07 -4.84 10.46
N TYR D 46 31.25 -5.77 9.97
CA TYR D 46 29.81 -5.62 10.03
C TYR D 46 29.38 -5.47 11.48
N GLU D 47 28.47 -4.53 11.74
CA GLU D 47 28.06 -4.20 13.10
C GLU D 47 26.54 -4.13 13.16
N PRO D 48 25.92 -4.76 14.18
CA PRO D 48 24.47 -4.62 14.37
C PRO D 48 24.16 -3.16 14.74
N ARG D 49 23.01 -2.66 14.32
CA ARG D 49 22.65 -1.26 14.53
C ARG D 49 21.28 -1.14 15.20
N ALA D 50 20.69 -2.29 15.48
CA ALA D 50 19.49 -2.40 16.31
C ALA D 50 19.75 -3.56 17.26
N ARG D 51 19.28 -3.44 18.49
N ARG D 51 19.30 -3.43 18.50
CA ARG D 51 19.58 -4.43 19.52
CA ARG D 51 19.59 -4.44 19.52
C ARG D 51 19.11 -5.84 19.15
C ARG D 51 19.17 -5.85 19.08
N TRP D 52 18.12 -5.95 18.27
CA TRP D 52 17.62 -7.26 17.87
C TRP D 52 18.52 -8.01 16.89
N MET D 53 19.47 -7.32 16.27
CA MET D 53 20.40 -8.00 15.39
C MET D 53 21.51 -8.71 16.17
N GLU D 54 21.59 -8.39 17.46
CA GLU D 54 22.56 -9.03 18.35
C GLU D 54 22.48 -10.53 18.25
N GLN D 55 21.27 -11.02 18.03
CA GLN D 55 20.96 -12.43 18.04
C GLN D 55 21.84 -13.23 17.08
N GLU D 56 22.22 -12.62 15.97
CA GLU D 56 23.01 -13.33 14.98
C GLU D 56 24.35 -13.71 15.58
N GLY D 57 24.80 -14.93 15.30
CA GLY D 57 26.05 -15.42 15.83
C GLY D 57 27.26 -14.83 15.13
N PRO D 58 28.46 -15.14 15.63
CA PRO D 58 29.71 -14.62 15.08
C PRO D 58 29.88 -15.04 13.62
N GLU D 59 29.36 -16.20 13.25
CA GLU D 59 29.45 -16.68 11.88
C GLU D 59 28.77 -15.73 10.88
N TYR D 60 27.64 -15.18 11.28
CA TYR D 60 26.94 -14.23 10.46
C TYR D 60 27.83 -13.00 10.28
N TRP D 61 28.23 -12.40 11.39
CA TRP D 61 29.01 -11.18 11.31
C TRP D 61 30.27 -11.38 10.49
N GLU D 62 30.98 -12.46 10.78
CA GLU D 62 32.18 -12.83 10.02
C GLU D 62 31.89 -12.96 8.52
N ARG D 63 30.83 -13.68 8.16
CA ARG D 63 30.49 -13.89 6.77
C ARG D 63 30.18 -12.57 6.06
N GLU D 64 29.39 -11.72 6.69
CA GLU D 64 29.03 -10.43 6.09
C GLU D 64 30.24 -9.48 6.02
N THR D 65 31.14 -9.60 6.99
CA THR D 65 32.35 -8.79 6.98
C THR D 65 33.22 -9.18 5.79
N GLN D 66 33.41 -10.48 5.60
CA GLN D 66 34.23 -10.95 4.50
C GLN D 66 33.67 -10.57 3.13
N LYS D 67 32.35 -10.61 2.98
CA LYS D 67 31.70 -10.21 1.75
C LYS D 67 31.80 -8.70 1.51
N ALA D 68 31.69 -7.93 2.59
CA ALA D 68 31.82 -6.47 2.48
C ALA D 68 33.23 -6.07 2.01
N LYS D 69 34.25 -6.72 2.55
CA LYS D 69 35.62 -6.41 2.16
C LYS D 69 35.80 -6.78 0.69
N GLY D 70 35.14 -7.85 0.27
CA GLY D 70 35.14 -8.24 -1.13
C GLY D 70 34.52 -7.16 -2.00
N ASN D 71 33.27 -6.80 -1.70
CA ASN D 71 32.61 -5.69 -2.38
C ASN D 71 33.46 -4.42 -2.38
N GLU D 72 34.06 -4.09 -1.24
CA GLU D 72 34.87 -2.87 -1.13
C GLU D 72 35.93 -2.83 -2.22
N GLN D 73 36.70 -3.91 -2.29
CA GLN D 73 37.79 -3.96 -3.24
C GLN D 73 37.24 -3.93 -4.68
N SER D 74 36.13 -4.61 -4.92
CA SER D 74 35.49 -4.52 -6.22
C SER D 74 35.14 -3.06 -6.55
N PHE D 75 34.64 -2.31 -5.58
CA PHE D 75 34.29 -0.93 -5.82
C PHE D 75 35.52 -0.06 -6.07
N ARG D 76 36.62 -0.37 -5.37
N ARG D 76 36.61 -0.39 -5.37
CA ARG D 76 37.88 0.31 -5.60
CA ARG D 76 37.91 0.24 -5.55
C ARG D 76 38.20 0.30 -7.09
C ARG D 76 38.27 0.26 -7.04
N VAL D 77 38.09 -0.88 -7.71
CA VAL D 77 38.34 -1.02 -9.14
C VAL D 77 37.34 -0.21 -9.98
N ASP D 78 36.06 -0.30 -9.63
CA ASP D 78 35.01 0.47 -10.31
C ASP D 78 35.32 1.96 -10.42
N LEU D 79 35.77 2.57 -9.32
CA LEU D 79 36.17 3.98 -9.32
C LEU D 79 37.18 4.31 -10.42
N ARG D 80 38.23 3.49 -10.56
CA ARG D 80 39.19 3.68 -11.66
C ARG D 80 38.50 3.51 -13.02
N THR D 81 37.72 2.45 -13.15
CA THR D 81 36.98 2.22 -14.38
C THR D 81 36.17 3.46 -14.79
N LEU D 82 35.44 4.05 -13.87
CA LEU D 82 34.61 5.21 -14.22
C LEU D 82 35.43 6.43 -14.65
N LEU D 83 36.58 6.65 -14.03
CA LEU D 83 37.54 7.64 -14.53
C LEU D 83 37.75 7.45 -16.04
N GLY D 84 38.06 6.24 -16.45
CA GLY D 84 38.23 5.94 -17.87
C GLY D 84 36.97 6.22 -18.68
N TYR D 85 35.84 5.68 -18.25
CA TYR D 85 34.59 5.83 -19.00
C TYR D 85 34.31 7.29 -19.31
N TYR D 86 34.52 8.14 -18.31
CA TYR D 86 34.17 9.56 -18.40
C TYR D 86 35.36 10.47 -18.74
N ASN D 87 36.54 9.88 -18.88
CA ASN D 87 37.73 10.64 -19.23
C ASN D 87 37.99 11.77 -18.24
N GLN D 88 38.22 11.40 -16.98
CA GLN D 88 38.39 12.36 -15.91
C GLN D 88 39.79 12.24 -15.33
N SER D 89 40.26 13.31 -14.67
CA SER D 89 41.58 13.34 -14.04
C SER D 89 41.74 12.31 -12.92
N LYS D 90 42.98 11.95 -12.63
CA LYS D 90 43.25 10.87 -11.68
C LYS D 90 43.14 11.27 -10.20
N GLY D 91 43.23 12.58 -9.95
CA GLY D 91 43.31 13.10 -8.57
C GLY D 91 42.08 13.81 -7.99
N GLY D 92 40.94 13.73 -8.66
CA GLY D 92 39.71 14.24 -8.08
C GLY D 92 38.97 13.17 -7.29
N SER D 93 38.22 13.58 -6.28
CA SER D 93 37.38 12.67 -5.50
C SER D 93 36.08 12.36 -6.22
N HIS D 94 35.67 11.09 -6.21
CA HIS D 94 34.40 10.69 -6.80
C HIS D 94 33.66 9.71 -5.92
N THR D 95 32.37 9.55 -6.17
N THR D 95 32.38 9.53 -6.14
CA THR D 95 31.54 8.64 -5.38
CA THR D 95 31.61 8.62 -5.29
C THR D 95 30.75 7.70 -6.26
C THR D 95 30.61 7.78 -6.08
N ILE D 96 30.62 6.47 -5.79
CA ILE D 96 29.66 5.57 -6.39
C ILE D 96 28.68 5.27 -5.28
N GLN D 97 27.40 5.25 -5.63
CA GLN D 97 26.36 4.89 -4.68
C GLN D 97 25.43 3.81 -5.24
N VAL D 98 25.01 2.92 -4.36
CA VAL D 98 24.06 1.91 -4.77
C VAL D 98 22.95 1.76 -3.75
N ILE D 99 21.73 1.59 -4.27
CA ILE D 99 20.62 1.10 -3.49
C ILE D 99 20.20 -0.23 -4.08
N SER D 100 20.19 -1.25 -3.23
CA SER D 100 20.02 -2.63 -3.67
C SER D 100 19.13 -3.38 -2.68
N GLY D 101 18.06 -4.00 -3.17
CA GLY D 101 17.20 -4.75 -2.30
C GLY D 101 15.82 -5.03 -2.83
N CYS D 102 14.95 -5.48 -1.94
CA CYS D 102 13.65 -6.01 -2.32
C CYS D 102 12.55 -5.43 -1.44
N GLU D 103 11.42 -5.10 -2.05
CA GLU D 103 10.22 -4.86 -1.28
C GLU D 103 9.26 -6.01 -1.52
N VAL D 104 8.78 -6.58 -0.41
CA VAL D 104 8.00 -7.80 -0.42
C VAL D 104 6.60 -7.51 0.11
N GLY D 105 5.58 -8.01 -0.56
CA GLY D 105 4.22 -7.81 -0.10
C GLY D 105 3.85 -8.66 1.10
N SER D 106 2.70 -8.37 1.70
CA SER D 106 2.18 -9.16 2.81
C SER D 106 2.04 -10.65 2.48
N ASP D 107 1.86 -10.96 1.19
CA ASP D 107 1.76 -12.33 0.73
C ASP D 107 3.14 -12.97 0.51
N GLY D 108 4.19 -12.23 0.87
CA GLY D 108 5.54 -12.78 0.84
C GLY D 108 6.12 -12.79 -0.55
N ARG D 109 5.41 -12.18 -1.48
N ARG D 109 5.38 -12.22 -1.49
CA ARG D 109 5.83 -12.15 -2.87
CA ARG D 109 5.83 -12.14 -2.88
C ARG D 109 6.52 -10.83 -3.21
C ARG D 109 6.61 -10.86 -3.10
N LEU D 110 7.56 -10.90 -4.02
CA LEU D 110 8.33 -9.70 -4.34
C LEU D 110 7.47 -8.65 -5.04
N LEU D 111 7.37 -7.47 -4.42
CA LEU D 111 6.67 -6.33 -5.02
C LEU D 111 7.56 -5.57 -5.98
N ARG D 112 8.73 -5.16 -5.52
N ARG D 112 8.75 -5.21 -5.52
CA ARG D 112 9.70 -4.50 -6.38
CA ARG D 112 9.71 -4.51 -6.35
C ARG D 112 11.13 -4.84 -5.97
C ARG D 112 11.13 -4.93 -5.98
N GLY D 113 12.03 -4.88 -6.95
CA GLY D 113 13.43 -5.14 -6.69
C GLY D 113 14.18 -3.84 -6.91
N TYR D 114 15.29 -3.65 -6.22
CA TYR D 114 16.12 -2.46 -6.45
C TYR D 114 17.56 -2.82 -6.82
N GLN D 115 18.04 -2.26 -7.93
CA GLN D 115 19.46 -2.28 -8.22
C GLN D 115 19.81 -1.02 -8.99
N GLN D 116 20.02 0.06 -8.25
CA GLN D 116 20.26 1.37 -8.87
C GLN D 116 21.62 1.91 -8.48
N TYR D 117 22.29 2.52 -9.45
CA TYR D 117 23.64 3.03 -9.29
C TYR D 117 23.70 4.51 -9.57
N ALA D 118 24.57 5.22 -8.85
CA ALA D 118 24.79 6.64 -9.07
C ALA D 118 26.28 6.91 -9.10
N TYR D 119 26.69 7.84 -9.95
CA TYR D 119 28.08 8.27 -10.00
C TYR D 119 28.14 9.78 -9.82
N ASP D 120 28.95 10.22 -8.85
CA ASP D 120 28.98 11.61 -8.40
C ASP D 120 27.57 12.17 -8.26
N GLY D 121 26.68 11.42 -7.63
CA GLY D 121 25.34 11.90 -7.30
C GLY D 121 24.32 11.92 -8.43
N CYS D 122 24.65 11.34 -9.57
CA CYS D 122 23.74 11.33 -10.71
C CYS D 122 23.45 9.89 -11.13
N ASP D 123 22.19 9.56 -11.37
CA ASP D 123 21.82 8.26 -11.90
C ASP D 123 22.86 7.78 -12.88
N TYR D 124 23.25 6.52 -12.76
CA TYR D 124 24.18 5.93 -13.71
C TYR D 124 23.50 4.81 -14.49
N ILE D 125 23.12 3.75 -13.79
CA ILE D 125 22.39 2.61 -14.37
C ILE D 125 21.44 2.03 -13.31
N ALA D 126 20.32 1.44 -13.76
CA ALA D 126 19.39 0.83 -12.82
C ALA D 126 18.66 -0.33 -13.45
N LEU D 127 18.35 -1.34 -12.63
CA LEU D 127 17.60 -2.50 -13.10
C LEU D 127 16.12 -2.12 -13.18
N ASN D 128 15.53 -2.31 -14.36
CA ASN D 128 14.12 -1.99 -14.56
C ASN D 128 13.19 -2.90 -13.77
N GLU D 129 11.97 -2.40 -13.58
CA GLU D 129 10.91 -3.14 -12.89
C GLU D 129 10.72 -4.56 -13.41
N ASP D 130 11.06 -4.81 -14.68
CA ASP D 130 10.90 -6.15 -15.25
C ASP D 130 11.97 -7.10 -14.74
N LEU D 131 13.00 -6.55 -14.10
CA LEU D 131 14.10 -7.35 -13.56
C LEU D 131 14.82 -8.14 -14.65
N LYS D 132 14.74 -7.64 -15.89
CA LYS D 132 15.37 -8.28 -17.04
C LYS D 132 16.21 -7.33 -17.87
N THR D 133 15.88 -6.05 -17.83
CA THR D 133 16.60 -5.06 -18.63
C THR D 133 17.15 -3.91 -17.80
N TRP D 134 18.04 -3.13 -18.40
CA TRP D 134 18.71 -2.04 -17.71
C TRP D 134 18.40 -0.72 -18.38
N THR D 135 18.37 0.34 -17.59
CA THR D 135 18.29 1.68 -18.13
C THR D 135 19.59 2.39 -17.83
N ALA D 136 20.39 2.65 -18.87
CA ALA D 136 21.61 3.42 -18.67
C ALA D 136 21.21 4.88 -18.66
N ALA D 137 21.83 5.69 -17.82
CA ALA D 137 21.42 7.09 -17.74
C ALA D 137 22.23 8.01 -18.63
N ASP D 138 23.38 7.53 -19.11
CA ASP D 138 24.26 8.30 -19.99
C ASP D 138 25.14 7.41 -20.88
N MET D 139 26.02 8.01 -21.67
CA MET D 139 26.78 7.23 -22.65
C MET D 139 27.77 6.26 -21.98
N ALA D 140 28.31 6.66 -20.83
CA ALA D 140 29.26 5.82 -20.09
C ALA D 140 28.59 4.57 -19.51
N ALA D 141 27.37 4.72 -19.03
CA ALA D 141 26.63 3.59 -18.46
C ALA D 141 26.22 2.59 -19.53
N LEU D 142 26.23 3.03 -20.79
CA LEU D 142 26.02 2.14 -21.94
C LEU D 142 27.13 1.10 -22.03
N ILE D 143 28.32 1.43 -21.52
CA ILE D 143 29.40 0.44 -21.49
C ILE D 143 29.13 -0.63 -20.45
N THR D 144 28.74 -0.21 -19.24
CA THR D 144 28.38 -1.14 -18.18
C THR D 144 27.20 -2.03 -18.57
N LYS D 145 26.22 -1.45 -19.24
CA LYS D 145 25.03 -2.17 -19.66
C LYS D 145 25.34 -3.30 -20.64
N HIS D 146 26.17 -3.02 -21.64
CA HIS D 146 26.54 -4.04 -22.62
C HIS D 146 27.23 -5.19 -21.92
N LYS D 147 28.20 -4.82 -21.10
CA LYS D 147 28.93 -5.78 -20.27
C LYS D 147 27.98 -6.67 -19.46
N TRP D 148 26.99 -6.06 -18.83
CA TRP D 148 26.10 -6.78 -17.92
C TRP D 148 25.06 -7.62 -18.67
N GLU D 149 24.55 -7.08 -19.77
CA GLU D 149 23.66 -7.85 -20.63
C GLU D 149 24.35 -9.12 -21.07
N GLN D 150 25.59 -9.00 -21.52
CA GLN D 150 26.36 -10.16 -21.96
C GLN D 150 26.64 -11.19 -20.87
N ALA D 151 26.90 -10.73 -19.65
CA ALA D 151 27.19 -11.63 -18.55
C ALA D 151 25.93 -12.18 -17.85
N GLY D 152 24.76 -11.77 -18.32
CA GLY D 152 23.51 -12.18 -17.70
C GLY D 152 23.32 -11.64 -16.29
N GLU D 153 23.85 -10.45 -16.04
CA GLU D 153 23.79 -9.82 -14.72
C GLU D 153 22.34 -9.63 -14.18
N ALA D 154 21.42 -9.27 -15.08
CA ALA D 154 20.02 -9.09 -14.71
C ALA D 154 19.43 -10.37 -14.12
N GLU D 155 19.77 -11.49 -14.72
CA GLU D 155 19.31 -12.78 -14.25
C GLU D 155 19.90 -13.08 -12.86
N ARG D 156 21.16 -12.71 -12.66
CA ARG D 156 21.81 -12.87 -11.36
C ARG D 156 21.09 -12.06 -10.30
N LEU D 157 20.67 -10.84 -10.66
CA LEU D 157 19.93 -10.00 -9.72
C LEU D 157 18.55 -10.58 -9.43
N ARG D 158 17.82 -10.96 -10.49
CA ARG D 158 16.49 -11.46 -10.26
C ARG D 158 16.54 -12.64 -9.29
N ALA D 159 17.55 -13.48 -9.42
CA ALA D 159 17.72 -14.62 -8.51
C ALA D 159 17.97 -14.16 -7.08
N TYR D 160 18.93 -13.26 -6.90
CA TYR D 160 19.17 -12.73 -5.56
C TYR D 160 17.89 -12.14 -4.95
N LEU D 161 17.19 -11.31 -5.72
CA LEU D 161 16.04 -10.58 -5.22
C LEU D 161 14.89 -11.52 -4.84
N GLU D 162 14.55 -12.43 -5.74
CA GLU D 162 13.46 -13.38 -5.51
C GLU D 162 13.80 -14.46 -4.48
N GLY D 163 15.08 -14.77 -4.33
CA GLY D 163 15.50 -15.75 -3.34
C GLY D 163 16.08 -15.11 -2.09
N THR D 164 17.40 -15.02 -2.06
CA THR D 164 18.14 -14.50 -0.90
C THR D 164 17.52 -13.30 -0.22
N CYS D 165 17.20 -12.27 -1.01
CA CYS D 165 16.76 -11.02 -0.40
C CYS D 165 15.46 -11.23 0.38
N VAL D 166 14.49 -11.90 -0.24
CA VAL D 166 13.20 -12.19 0.41
C VAL D 166 13.38 -13.05 1.66
N GLU D 167 14.18 -14.10 1.53
CA GLU D 167 14.39 -15.04 2.61
C GLU D 167 15.08 -14.40 3.80
N TRP D 168 16.06 -13.55 3.53
CA TRP D 168 16.73 -12.91 4.64
C TRP D 168 15.82 -11.86 5.27
N LEU D 169 15.09 -11.14 4.44
CA LEU D 169 14.13 -10.16 4.93
C LEU D 169 13.18 -10.82 5.89
N ARG D 170 12.80 -12.04 5.54
CA ARG D 170 11.88 -12.82 6.37
C ARG D 170 12.48 -13.09 7.74
N ARG D 171 13.77 -13.39 7.76
CA ARG D 171 14.46 -13.73 9.00
C ARG D 171 14.68 -12.53 9.91
N TYR D 172 15.03 -11.39 9.31
CA TYR D 172 15.30 -10.17 10.06
C TYR D 172 14.02 -9.76 10.76
N LEU D 173 12.91 -9.82 10.05
CA LEU D 173 11.60 -9.50 10.60
C LEU D 173 11.27 -10.37 11.82
N LYS D 174 11.54 -11.67 11.71
CA LYS D 174 11.25 -12.59 12.81
C LYS D 174 11.98 -12.19 14.08
N ASN D 175 13.17 -11.62 13.93
CA ASN D 175 13.96 -11.21 15.08
C ASN D 175 13.61 -9.80 15.56
N GLY D 176 13.22 -8.94 14.62
CA GLY D 176 13.01 -7.54 14.94
C GLY D 176 11.61 -6.99 14.77
N ASN D 177 10.65 -7.85 14.41
CA ASN D 177 9.29 -7.40 14.15
C ASN D 177 8.71 -6.64 15.34
N ALA D 178 8.61 -7.33 16.48
CA ALA D 178 8.14 -6.70 17.71
C ALA D 178 8.66 -5.27 17.81
N THR D 179 9.98 -5.11 17.72
CA THR D 179 10.63 -3.80 17.80
C THR D 179 10.31 -2.88 16.62
N LEU D 180 10.23 -3.45 15.42
CA LEU D 180 10.05 -2.65 14.21
C LEU D 180 8.65 -2.03 14.14
N LEU D 181 7.66 -2.72 14.70
CA LEU D 181 6.29 -2.20 14.72
C LEU D 181 6.03 -1.21 15.86
N ARG D 182 7.06 -0.86 16.63
CA ARG D 182 6.88 0.12 17.67
C ARG D 182 6.35 1.40 17.05
N THR D 183 5.41 2.04 17.72
CA THR D 183 4.84 3.27 17.19
C THR D 183 4.68 4.28 18.31
N ASP D 184 5.27 5.46 18.16
CA ASP D 184 5.12 6.52 19.12
C ASP D 184 4.23 7.62 18.55
N SER D 185 3.12 7.88 19.22
CA SER D 185 2.17 8.90 18.78
C SER D 185 2.76 10.28 19.02
N PRO D 186 2.51 11.20 18.09
CA PRO D 186 2.97 12.56 18.33
C PRO D 186 2.34 13.15 19.59
N LYS D 187 3.10 13.98 20.31
CA LYS D 187 2.53 14.86 21.32
C LYS D 187 2.52 16.23 20.65
N ALA D 188 1.35 16.86 20.58
CA ALA D 188 1.23 18.15 19.90
C ALA D 188 0.85 19.32 20.82
N HIS D 189 1.27 20.53 20.46
CA HIS D 189 0.84 21.74 21.17
C HIS D 189 0.99 22.93 20.24
N VAL D 190 0.28 24.00 20.54
CA VAL D 190 0.32 25.20 19.71
C VAL D 190 1.03 26.31 20.46
N THR D 191 2.00 26.95 19.81
CA THR D 191 2.62 28.14 20.37
C THR D 191 2.20 29.39 19.60
N HIS D 192 2.44 30.54 20.21
CA HIS D 192 1.88 31.80 19.77
C HIS D 192 2.98 32.85 19.69
N HIS D 193 3.09 33.54 18.56
CA HIS D 193 4.19 34.48 18.37
C HIS D 193 3.74 35.76 17.73
N SER D 194 4.26 36.87 18.24
CA SER D 194 3.91 38.19 17.74
C SER D 194 4.44 38.43 16.33
N ARG D 195 3.72 39.25 15.58
CA ARG D 195 4.17 39.72 14.28
C ARG D 195 3.92 41.23 14.27
N PRO D 196 4.48 41.94 13.27
CA PRO D 196 4.20 43.37 13.26
C PRO D 196 2.70 43.63 13.13
N GLU D 197 2.24 44.73 13.72
CA GLU D 197 0.85 45.15 13.63
C GLU D 197 -0.11 44.16 14.30
N ASP D 198 -1.21 43.85 13.62
CA ASP D 198 -2.27 43.07 14.24
C ASP D 198 -2.36 41.64 13.70
N LYS D 199 -1.21 41.06 13.34
CA LYS D 199 -1.13 39.65 12.95
C LYS D 199 -0.34 38.86 14.01
N VAL D 200 -0.63 37.57 14.11
CA VAL D 200 0.13 36.73 15.01
C VAL D 200 0.36 35.41 14.32
N THR D 201 1.38 34.70 14.78
CA THR D 201 1.74 33.41 14.21
C THR D 201 1.33 32.35 15.20
N LEU D 202 0.61 31.34 14.70
CA LEU D 202 0.30 30.17 15.51
C LEU D 202 1.13 29.02 14.96
N ARG D 203 1.85 28.35 15.83
CA ARG D 203 2.74 27.30 15.38
C ARG D 203 2.27 26.00 15.98
N CYS D 204 1.91 25.05 15.13
CA CYS D 204 1.47 23.73 15.58
C CYS D 204 2.64 22.76 15.55
N TRP D 205 2.96 22.23 16.73
CA TRP D 205 4.13 21.38 16.93
C TRP D 205 3.70 19.94 17.07
N ALA D 206 4.41 19.03 16.42
CA ALA D 206 4.31 17.62 16.76
C ALA D 206 5.69 17.05 17.12
N LEU D 207 5.76 16.45 18.30
CA LEU D 207 7.02 15.99 18.87
C LEU D 207 6.97 14.51 19.29
N GLY D 208 8.13 13.87 19.34
CA GLY D 208 8.24 12.54 19.94
C GLY D 208 7.52 11.44 19.19
N PHE D 209 7.28 11.64 17.90
CA PHE D 209 6.59 10.63 17.11
C PHE D 209 7.52 9.74 16.28
N TYR D 210 7.01 8.56 15.95
CA TYR D 210 7.71 7.58 15.13
C TYR D 210 6.70 6.56 14.60
N PRO D 211 6.75 6.23 13.29
CA PRO D 211 7.76 6.69 12.31
C PRO D 211 7.59 8.14 11.87
N ALA D 212 8.44 8.57 10.94
CA ALA D 212 8.59 10.00 10.63
C ALA D 212 7.40 10.54 9.87
N ASP D 213 6.68 9.65 9.20
N ASP D 213 6.68 9.66 9.17
CA ASP D 213 5.56 10.07 8.38
CA ASP D 213 5.55 10.09 8.35
C ASP D 213 4.47 10.75 9.22
C ASP D 213 4.51 10.76 9.23
N ILE D 214 4.11 11.97 8.85
CA ILE D 214 3.10 12.69 9.60
C ILE D 214 2.48 13.74 8.69
N THR D 215 1.29 14.21 9.06
CA THR D 215 0.66 15.34 8.39
C THR D 215 0.12 16.36 9.40
N LEU D 216 0.51 17.61 9.25
CA LEU D 216 -0.05 18.67 10.07
C LEU D 216 -0.87 19.57 9.17
N THR D 217 -2.07 19.91 9.60
CA THR D 217 -2.85 20.88 8.83
C THR D 217 -3.39 21.96 9.74
N TRP D 218 -3.54 23.15 9.19
CA TRP D 218 -4.27 24.21 9.87
C TRP D 218 -5.59 24.41 9.13
N GLN D 219 -6.66 24.55 9.90
CA GLN D 219 -7.97 24.88 9.33
C GLN D 219 -8.53 26.21 9.82
N LEU D 220 -9.06 26.99 8.89
CA LEU D 220 -9.85 28.14 9.25
C LEU D 220 -11.30 27.70 9.31
N ASN D 221 -11.77 27.51 10.54
CA ASN D 221 -13.08 26.93 10.78
C ASN D 221 -13.19 25.51 10.21
N GLY D 222 -13.78 25.37 9.03
CA GLY D 222 -13.96 24.04 8.45
C GLY D 222 -13.09 23.66 7.26
N GLU D 223 -12.39 24.61 6.66
CA GLU D 223 -11.63 24.33 5.44
C GLU D 223 -10.13 24.41 5.70
N GLU D 224 -9.34 23.72 4.87
CA GLU D 224 -7.89 23.66 5.06
C GLU D 224 -7.16 24.88 4.49
N LEU D 225 -6.17 25.36 5.22
CA LEU D 225 -5.35 26.46 4.72
C LEU D 225 -4.26 25.89 3.82
N ILE D 226 -4.64 25.73 2.55
CA ILE D 226 -3.79 25.12 1.53
C ILE D 226 -2.69 26.07 1.05
N GLN D 227 -2.57 27.21 1.70
CA GLN D 227 -1.59 28.20 1.28
C GLN D 227 -1.33 29.23 2.35
N ASP D 228 -0.09 29.73 2.36
CA ASP D 228 0.38 30.66 3.37
C ASP D 228 0.68 29.95 4.69
N MET D 229 0.56 28.63 4.66
CA MET D 229 0.98 27.82 5.78
C MET D 229 2.47 27.53 5.64
N GLU D 230 3.21 27.68 6.73
CA GLU D 230 4.64 27.43 6.69
C GLU D 230 4.95 26.15 7.45
N LEU D 231 5.89 25.36 6.96
CA LEU D 231 6.29 24.14 7.65
C LEU D 231 7.78 23.86 7.52
N VAL D 232 8.33 23.09 8.45
CA VAL D 232 9.69 22.61 8.32
C VAL D 232 9.68 21.16 7.85
N GLU D 233 10.74 20.73 7.18
CA GLU D 233 10.87 19.32 6.86
C GLU D 233 10.91 18.55 8.16
N THR D 234 10.26 17.39 8.20
CA THR D 234 10.33 16.52 9.38
C THR D 234 11.80 16.25 9.69
N ARG D 235 12.12 16.25 10.98
CA ARG D 235 13.50 16.24 11.44
C ARG D 235 13.67 15.37 12.70
N PRO D 236 14.82 14.69 12.83
CA PRO D 236 15.03 13.78 13.96
C PRO D 236 15.34 14.53 15.27
N ALA D 237 14.78 14.03 16.38
CA ALA D 237 15.06 14.65 17.66
C ALA D 237 16.42 14.18 18.17
N GLY D 238 16.93 13.10 17.59
CA GLY D 238 18.22 12.58 17.98
C GLY D 238 18.08 11.40 18.90
N ASP D 239 16.85 11.12 19.33
CA ASP D 239 16.61 10.05 20.28
C ASP D 239 15.72 8.93 19.71
N GLY D 240 15.62 8.89 18.38
CA GLY D 240 14.81 7.89 17.71
C GLY D 240 13.45 8.42 17.31
N THR D 241 13.06 9.58 17.82
CA THR D 241 11.78 10.18 17.43
C THR D 241 11.98 11.37 16.49
N PHE D 242 10.87 11.92 16.03
CA PHE D 242 10.88 12.97 15.02
C PHE D 242 10.03 14.18 15.42
N GLN D 243 10.20 15.26 14.68
CA GLN D 243 9.64 16.55 15.02
C GLN D 243 9.14 17.20 13.75
N LYS D 244 8.08 17.98 13.88
CA LYS D 244 7.57 18.77 12.78
C LYS D 244 6.69 19.87 13.31
N TRP D 245 6.65 20.98 12.59
CA TRP D 245 5.69 22.02 12.93
C TRP D 245 5.16 22.65 11.68
N ALA D 246 3.97 23.25 11.80
CA ALA D 246 3.37 24.04 10.75
C ALA D 246 2.76 25.24 11.42
N SER D 247 2.89 26.41 10.79
CA SER D 247 2.40 27.62 11.38
C SER D 247 1.64 28.40 10.35
N VAL D 248 0.75 29.27 10.82
CA VAL D 248 0.04 30.22 9.97
C VAL D 248 -0.02 31.59 10.63
N VAL D 249 -0.10 32.63 9.80
CA VAL D 249 -0.36 33.97 10.27
C VAL D 249 -1.86 34.27 10.22
N VAL D 250 -2.40 34.61 11.39
CA VAL D 250 -3.82 34.90 11.54
C VAL D 250 -3.97 36.27 12.21
N PRO D 251 -5.16 36.88 12.13
CA PRO D 251 -5.37 38.18 12.79
C PRO D 251 -5.37 38.07 14.31
N LEU D 252 -4.85 39.12 14.94
CA LEU D 252 -4.82 39.23 16.38
C LEU D 252 -6.25 39.24 16.83
N GLY D 253 -6.58 38.40 17.79
CA GLY D 253 -7.95 38.34 18.27
C GLY D 253 -8.77 37.25 17.60
N LYS D 254 -8.26 36.63 16.54
CA LYS D 254 -8.97 35.52 15.88
C LYS D 254 -8.32 34.16 16.06
N GLU D 255 -7.50 33.99 17.10
CA GLU D 255 -6.77 32.75 17.30
C GLU D 255 -7.67 31.51 17.53
N GLN D 256 -8.84 31.73 18.12
CA GLN D 256 -9.76 30.64 18.39
C GLN D 256 -10.58 30.23 17.17
N TYR D 257 -10.34 30.85 16.02
CA TYR D 257 -11.06 30.46 14.81
C TYR D 257 -10.27 29.44 14.01
N TYR D 258 -9.03 29.17 14.43
CA TYR D 258 -8.15 28.28 13.69
C TYR D 258 -7.89 27.01 14.47
N THR D 259 -7.84 25.90 13.74
CA THR D 259 -7.60 24.61 14.35
C THR D 259 -6.44 23.89 13.67
N CYS D 260 -5.62 23.25 14.47
CA CYS D 260 -4.55 22.42 13.91
C CYS D 260 -4.95 20.95 14.01
N HIS D 261 -4.61 20.19 12.97
CA HIS D 261 -4.88 18.75 12.93
C HIS D 261 -3.59 17.96 12.70
N VAL D 262 -3.43 16.89 13.46
CA VAL D 262 -2.24 16.05 13.33
C VAL D 262 -2.61 14.61 12.96
N TYR D 263 -2.13 14.15 11.80
CA TYR D 263 -2.41 12.79 11.32
C TYR D 263 -1.16 11.93 11.41
N HIS D 264 -1.26 10.85 12.17
CA HIS D 264 -0.13 9.92 12.29
C HIS D 264 -0.64 8.50 12.42
N GLN D 265 0.13 7.55 11.90
CA GLN D 265 -0.32 6.16 11.98
C GLN D 265 -0.55 5.71 13.43
N GLY D 266 0.05 6.38 14.40
CA GLY D 266 -0.12 5.98 15.78
C GLY D 266 -1.37 6.55 16.42
N LEU D 267 -2.05 7.43 15.69
CA LEU D 267 -3.26 8.07 16.20
C LEU D 267 -4.52 7.40 15.63
N PRO D 268 -5.26 6.68 16.50
CA PRO D 268 -6.53 6.09 16.08
C PRO D 268 -7.35 7.13 15.32
N GLU D 269 -7.34 8.35 15.83
CA GLU D 269 -7.94 9.46 15.11
C GLU D 269 -7.13 10.75 15.26
N PRO D 270 -7.12 11.56 14.20
CA PRO D 270 -6.34 12.80 14.15
C PRO D 270 -6.45 13.57 15.46
N LEU D 271 -5.35 14.19 15.88
CA LEU D 271 -5.39 15.15 16.95
C LEU D 271 -5.99 16.42 16.38
N THR D 272 -6.70 17.15 17.22
CA THR D 272 -7.23 18.43 16.83
C THR D 272 -6.97 19.36 18.00
N LEU D 273 -6.31 20.49 17.74
CA LEU D 273 -6.05 21.42 18.83
C LEU D 273 -6.06 22.89 18.41
N ARG D 274 -6.18 23.76 19.41
CA ARG D 274 -6.20 25.21 19.21
C ARG D 274 -5.21 25.90 20.15
N TRP D 275 -4.76 27.10 19.77
CA TRP D 275 -4.03 27.94 20.71
C TRP D 275 -4.85 28.08 21.99
N GLU D 276 -4.23 27.83 23.13
CA GLU D 276 -4.90 28.10 24.38
C GLU D 276 -4.19 29.24 25.11
N PRO D 277 -4.92 30.33 25.37
CA PRO D 277 -4.37 31.53 26.01
C PRO D 277 -3.90 31.16 27.41
N PRO D 278 -3.18 32.06 28.09
CA PRO D 278 -2.65 31.72 29.41
C PRO D 278 -3.77 31.66 30.43
N PRO D 279 -3.59 30.83 31.48
CA PRO D 279 -4.57 30.71 32.56
C PRO D 279 -4.72 32.01 33.32
N ILE E 1 28.89 18.44 -10.57
CA ILE E 1 27.45 18.33 -10.34
C ILE E 1 27.14 18.18 -8.84
N GLN E 2 27.04 19.32 -8.16
CA GLN E 2 26.96 19.34 -6.70
C GLN E 2 25.63 19.88 -6.18
N LYS E 3 25.26 19.45 -4.97
CA LYS E 3 24.00 19.88 -4.36
C LYS E 3 24.26 20.64 -3.05
N THR E 4 23.50 21.72 -2.85
CA THR E 4 23.74 22.64 -1.74
C THR E 4 23.02 22.20 -0.48
N PRO E 5 23.76 22.10 0.63
CA PRO E 5 23.17 21.62 1.88
C PRO E 5 22.04 22.51 2.36
N GLN E 6 21.05 21.89 3.02
CA GLN E 6 19.96 22.59 3.70
C GLN E 6 20.17 22.31 5.17
N ILE E 7 19.86 23.26 6.04
CA ILE E 7 20.18 23.15 7.47
C ILE E 7 19.04 23.55 8.36
N GLN E 8 18.81 22.79 9.43
CA GLN E 8 17.88 23.19 10.49
C GLN E 8 18.62 23.09 11.83
N VAL E 9 18.42 24.08 12.70
CA VAL E 9 19.01 24.06 14.04
C VAL E 9 17.88 24.15 15.07
N TYR E 10 17.87 23.24 16.04
CA TYR E 10 16.68 23.09 16.89
C TYR E 10 17.01 22.20 18.08
N SER E 11 16.26 22.36 19.17
CA SER E 11 16.54 21.58 20.36
C SER E 11 15.79 20.27 20.35
N ARG E 12 16.37 19.26 20.99
CA ARG E 12 15.72 17.95 21.11
C ARG E 12 14.40 18.08 21.83
N HIS E 13 14.36 18.94 22.84
CA HIS E 13 13.14 19.18 23.60
C HIS E 13 12.82 20.66 23.58
N PRO E 14 11.55 21.01 23.85
CA PRO E 14 11.23 22.43 23.87
C PRO E 14 12.13 23.12 24.89
N PRO E 15 12.79 24.21 24.48
CA PRO E 15 13.79 24.87 25.33
C PRO E 15 13.19 25.50 26.57
N GLU E 16 13.87 25.37 27.69
CA GLU E 16 13.45 26.04 28.90
C GLU E 16 14.72 26.54 29.59
N ASN E 17 14.78 27.85 29.80
CA ASN E 17 15.98 28.44 30.39
C ASN E 17 16.43 27.76 31.67
N GLY E 18 17.71 27.39 31.73
CA GLY E 18 18.26 26.70 32.88
C GLY E 18 18.14 25.19 32.88
N LYS E 19 17.40 24.65 31.90
CA LYS E 19 17.14 23.22 31.84
C LYS E 19 17.97 22.53 30.75
N PRO E 20 18.82 21.57 31.14
CA PRO E 20 19.65 20.88 30.15
C PRO E 20 18.83 20.33 28.98
N ASN E 21 19.41 20.36 27.78
CA ASN E 21 18.73 19.98 26.56
C ASN E 21 19.80 19.52 25.56
N ILE E 22 19.39 19.20 24.34
CA ILE E 22 20.34 18.90 23.26
C ILE E 22 20.06 19.84 22.14
N LEU E 23 21.10 20.43 21.54
CA LEU E 23 20.90 21.27 20.37
C LEU E 23 21.33 20.50 19.13
N ASN E 24 20.47 20.49 18.11
CA ASN E 24 20.71 19.73 16.90
C ASN E 24 21.03 20.63 15.71
N CYS E 25 21.88 20.14 14.82
CA CYS E 25 22.09 20.75 13.52
C CYS E 25 21.97 19.66 12.45
N TYR E 26 20.83 19.66 11.78
CA TYR E 26 20.47 18.63 10.82
C TYR E 26 20.81 19.13 9.41
N VAL E 27 21.72 18.44 8.73
CA VAL E 27 22.19 18.87 7.42
C VAL E 27 21.86 17.82 6.37
N THR E 28 21.26 18.27 5.27
CA THR E 28 20.68 17.38 4.26
C THR E 28 20.85 17.95 2.87
N GLN E 29 20.48 17.16 1.87
CA GLN E 29 20.44 17.61 0.48
C GLN E 29 21.80 17.96 -0.11
N PHE E 30 22.87 17.36 0.39
CA PHE E 30 24.19 17.72 -0.14
C PHE E 30 24.95 16.58 -0.79
N HIS E 31 25.86 16.97 -1.70
CA HIS E 31 26.67 16.05 -2.47
C HIS E 31 27.75 16.92 -3.09
N PRO E 32 29.03 16.51 -2.99
CA PRO E 32 29.60 15.25 -2.46
C PRO E 32 29.44 15.13 -0.97
N PRO E 33 29.77 13.96 -0.40
CA PRO E 33 29.54 13.76 1.04
C PRO E 33 30.53 14.48 1.94
N HIS E 34 31.69 14.89 1.45
CA HIS E 34 32.58 15.62 2.34
C HIS E 34 31.94 16.93 2.77
N ILE E 35 31.98 17.20 4.08
CA ILE E 35 31.38 18.40 4.64
C ILE E 35 31.93 18.75 6.03
N GLU E 36 31.99 20.04 6.33
CA GLU E 36 32.48 20.48 7.63
C GLU E 36 31.39 21.22 8.40
N ILE E 37 31.11 20.76 9.61
CA ILE E 37 30.02 21.29 10.42
C ILE E 37 30.53 21.75 11.77
N GLN E 38 30.23 23.00 12.12
CA GLN E 38 30.63 23.56 13.39
C GLN E 38 29.42 24.12 14.09
N MET E 39 29.31 23.87 15.38
CA MET E 39 28.31 24.54 16.15
C MET E 39 29.02 25.62 16.96
N LEU E 40 28.45 26.82 16.90
CA LEU E 40 29.01 27.98 17.57
C LEU E 40 28.13 28.45 18.72
N LYS E 41 28.77 28.87 19.80
CA LYS E 41 28.08 29.48 20.92
C LYS E 41 28.60 30.90 21.10
N ASN E 42 27.71 31.88 21.00
CA ASN E 42 28.10 33.28 21.11
C ASN E 42 29.29 33.64 20.24
N GLY E 43 29.29 33.15 19.02
CA GLY E 43 30.35 33.47 18.08
C GLY E 43 31.52 32.50 18.08
N LYS E 44 31.60 31.63 19.07
CA LYS E 44 32.78 30.78 19.20
C LYS E 44 32.52 29.28 19.08
N LYS E 45 33.40 28.60 18.37
CA LYS E 45 33.26 27.17 18.13
C LYS E 45 33.08 26.36 19.40
N ILE E 46 32.08 25.49 19.40
CA ILE E 46 31.85 24.54 20.49
C ILE E 46 32.64 23.27 20.21
N PRO E 47 33.58 22.92 21.10
CA PRO E 47 34.48 21.79 20.86
C PRO E 47 33.79 20.42 20.95
N LYS E 48 32.86 20.25 21.88
CA LYS E 48 32.24 18.95 22.10
C LYS E 48 30.97 18.76 21.25
N VAL E 49 31.15 18.40 19.98
CA VAL E 49 30.01 18.19 19.08
C VAL E 49 29.96 16.75 18.52
N GLU E 50 28.89 16.03 18.84
CA GLU E 50 28.73 14.67 18.36
C GLU E 50 28.19 14.67 16.93
N MET E 51 28.62 13.68 16.13
CA MET E 51 28.16 13.55 14.75
C MET E 51 27.57 12.18 14.53
N SER E 52 26.44 12.12 13.84
CA SER E 52 25.90 10.83 13.46
C SER E 52 26.76 10.27 12.31
N ASP E 53 26.69 8.97 12.11
CA ASP E 53 27.29 8.36 10.92
C ASP E 53 26.58 8.98 9.73
N MET E 54 27.23 9.00 8.56
CA MET E 54 26.56 9.55 7.40
C MET E 54 25.69 8.52 6.72
N SER E 55 24.54 8.99 6.24
CA SER E 55 23.64 8.17 5.46
C SER E 55 23.28 8.97 4.23
N PHE E 56 22.57 8.36 3.30
CA PHE E 56 22.10 9.11 2.14
C PHE E 56 20.69 8.67 1.77
N SER E 57 20.02 9.46 0.93
CA SER E 57 18.62 9.23 0.62
C SER E 57 18.43 8.77 -0.81
N LYS E 58 17.17 8.45 -1.13
CA LYS E 58 16.78 7.96 -2.44
C LYS E 58 17.25 8.83 -3.60
N ASP E 59 17.33 10.14 -3.37
CA ASP E 59 17.77 11.07 -4.41
C ASP E 59 19.30 11.21 -4.44
N TRP E 60 19.97 10.34 -3.67
CA TRP E 60 21.43 10.23 -3.65
C TRP E 60 22.13 11.25 -2.74
N SER E 61 21.41 12.29 -2.30
CA SER E 61 22.03 13.32 -1.45
C SER E 61 22.23 12.79 -0.03
N PHE E 62 23.25 13.33 0.64
CA PHE E 62 23.59 12.86 1.98
C PHE E 62 22.88 13.63 3.10
N TYR E 63 22.83 13.03 4.28
CA TYR E 63 22.34 13.74 5.43
C TYR E 63 23.12 13.34 6.65
N ILE E 64 23.13 14.23 7.63
CA ILE E 64 23.85 13.99 8.86
C ILE E 64 23.30 14.91 9.96
N LEU E 65 23.27 14.41 11.18
CA LEU E 65 22.83 15.19 12.33
C LEU E 65 24.04 15.42 13.23
N ALA E 66 24.33 16.69 13.53
CA ALA E 66 25.32 17.05 14.53
C ALA E 66 24.54 17.50 15.75
N HIS E 67 25.04 17.18 16.94
CA HIS E 67 24.37 17.68 18.14
C HIS E 67 25.34 17.98 19.27
N THR E 68 24.89 18.77 20.23
CA THR E 68 25.70 19.14 21.36
C THR E 68 24.80 19.30 22.57
N GLU E 69 25.30 18.98 23.75
CA GLU E 69 24.57 19.27 24.96
C GLU E 69 24.57 20.77 25.22
N PHE E 70 23.43 21.31 25.62
CA PHE E 70 23.42 22.68 26.10
C PHE E 70 22.33 22.95 27.11
N THR E 71 22.49 24.03 27.85
CA THR E 71 21.50 24.49 28.79
C THR E 71 21.16 25.89 28.34
N PRO E 72 20.01 26.02 27.68
CA PRO E 72 19.63 27.33 27.13
C PRO E 72 19.51 28.39 28.22
N THR E 73 19.84 29.63 27.86
CA THR E 73 19.55 30.80 28.69
C THR E 73 18.88 31.83 27.81
N GLU E 74 18.40 32.89 28.44
CA GLU E 74 17.65 33.92 27.74
C GLU E 74 18.48 34.65 26.68
N THR E 75 19.79 34.75 26.90
CA THR E 75 20.63 35.60 26.04
C THR E 75 21.67 34.91 25.14
N ASP E 76 22.13 33.71 25.51
CA ASP E 76 23.08 32.97 24.67
C ASP E 76 22.59 32.71 23.25
N THR E 77 23.43 33.02 22.28
CA THR E 77 23.18 32.76 20.87
C THR E 77 23.86 31.45 20.45
N TYR E 78 23.18 30.64 19.64
CA TYR E 78 23.79 29.44 19.04
C TYR E 78 23.58 29.44 17.55
N ALA E 79 24.53 28.85 16.84
CA ALA E 79 24.44 28.74 15.40
C ALA E 79 25.14 27.46 14.92
N CYS E 80 24.83 27.07 13.69
CA CYS E 80 25.51 25.96 13.04
C CYS E 80 26.12 26.51 11.76
N ARG E 81 27.39 26.20 11.54
N ARG E 81 27.42 26.28 11.58
CA ARG E 81 28.08 26.68 10.35
CA ARG E 81 28.10 26.68 10.36
C ARG E 81 28.53 25.51 9.52
C ARG E 81 28.42 25.45 9.53
N VAL E 82 28.30 25.59 8.22
CA VAL E 82 28.54 24.47 7.33
C VAL E 82 29.38 24.94 6.18
N LYS E 83 30.45 24.19 5.91
CA LYS E 83 31.31 24.50 4.82
C LYS E 83 31.22 23.33 3.85
N HIS E 84 30.89 23.63 2.60
CA HIS E 84 30.69 22.58 1.62
C HIS E 84 31.05 23.10 0.23
N ASP E 85 31.72 22.25 -0.54
CA ASP E 85 32.21 22.63 -1.86
C ASP E 85 31.12 23.24 -2.75
N SER E 86 29.87 22.88 -2.52
CA SER E 86 28.78 23.43 -3.32
C SER E 86 28.57 24.92 -3.06
N MET E 87 29.26 25.45 -2.08
CA MET E 87 29.04 26.84 -1.65
C MET E 87 30.36 27.58 -1.59
N ALA E 88 30.39 28.79 -2.14
CA ALA E 88 31.60 29.60 -2.10
C ALA E 88 32.02 29.96 -0.67
N GLU E 89 31.05 30.25 0.19
CA GLU E 89 31.37 30.58 1.58
C GLU E 89 30.60 29.70 2.56
N PRO E 90 31.13 29.51 3.78
CA PRO E 90 30.41 28.74 4.80
C PRO E 90 29.03 29.32 5.03
N LYS E 91 28.02 28.46 5.18
CA LYS E 91 26.68 28.93 5.52
C LYS E 91 26.44 28.79 7.01
N THR E 92 25.93 29.85 7.63
CA THR E 92 25.64 29.85 9.05
C THR E 92 24.14 29.99 9.31
N VAL E 93 23.63 29.19 10.23
CA VAL E 93 22.22 29.23 10.58
C VAL E 93 22.04 29.33 12.08
N TYR E 94 21.30 30.34 12.52
CA TYR E 94 21.12 30.57 13.94
C TYR E 94 19.95 29.79 14.52
N TRP E 95 20.13 29.31 15.75
CA TRP E 95 19.05 28.71 16.49
C TRP E 95 17.98 29.74 16.84
N ASP E 96 16.74 29.44 16.50
CA ASP E 96 15.63 30.27 16.91
C ASP E 96 14.73 29.39 17.77
N ARG E 97 14.63 29.72 19.06
CA ARG E 97 13.87 28.89 20.00
C ARG E 97 12.36 28.78 19.73
N ASP E 98 11.84 29.54 18.78
CA ASP E 98 10.43 29.45 18.44
C ASP E 98 10.25 28.60 17.21
N MET E 99 11.35 28.00 16.78
CA MET E 99 11.34 27.17 15.58
C MET E 99 12.09 25.85 15.76
N GLU F 1 -21.67 5.07 6.31
CA GLU F 1 -22.83 5.91 6.01
C GLU F 1 -22.78 6.41 4.57
N ILE F 2 -23.73 5.97 3.75
CA ILE F 2 -23.80 6.36 2.34
C ILE F 2 -24.23 7.81 2.18
N ILE F 3 -23.78 8.44 1.11
CA ILE F 3 -24.21 9.79 0.73
C ILE F 3 -25.66 9.87 0.26
N ASN F 4 -26.22 11.08 0.25
CA ASN F 4 -27.45 11.36 -0.51
C ASN F 4 -27.12 11.59 -1.97
N PHE F 5 -27.75 10.83 -2.85
CA PHE F 5 -27.44 10.95 -4.27
C PHE F 5 -28.25 12.06 -4.90
N GLU F 6 -27.69 12.64 -5.95
CA GLU F 6 -28.33 13.76 -6.62
C GLU F 6 -28.76 13.32 -8.02
N LYS F 7 -29.80 13.97 -8.53
CA LYS F 7 -30.38 13.60 -9.81
C LYS F 7 -29.36 13.58 -10.95
N LEU F 8 -29.50 12.61 -11.84
CA LEU F 8 -28.70 12.57 -13.06
C LEU F 8 -29.32 13.53 -14.07
#